data_3ZD7
#
_entry.id   3ZD7
#
_cell.length_a   48.252
_cell.length_b   75.996
_cell.length_c   207.279
_cell.angle_alpha   90.00
_cell.angle_beta   90.00
_cell.angle_gamma   90.00
#
_symmetry.space_group_name_H-M   'P 21 21 21'
#
loop_
_entity.id
_entity.type
_entity.pdbx_description
1 polymer 'PROBABLE ATP-DEPENDENT RNA HELICASE DDX58'
2 polymer 'RNA DUPLEX'
3 non-polymer 'ZINC ION'
4 non-polymer 'MAGNESIUM ION'
5 non-polymer "ADENOSINE-5'-DIPHOSPHATE"
6 water water
#
loop_
_entity_poly.entity_id
_entity_poly.type
_entity_poly.pdbx_seq_one_letter_code
_entity_poly.pdbx_strand_id
1 'polypeptide(L)'
;SEVSDTNLYSPFKPRNYQLELALPAMKGKNTIICAPTGCGKTFVSLLICEHHLKKFPQGQKGKVVFFANQIPVYEQNKSV
FSKYFERHGYRVTGISGATAENVPVEQIVENNDIIILTPQILVNNLKKGTIPSLSIFTLMIFDECHNTSKQHPYNMIMFN
YLDQKLGGSSGPLPQVIGLTASVGVGDAKNTDEALDYICKLCASLDASVIATVKHNLEELEQVVYKPQKFFRKVESRISD
KFKYIIAQLMRDTESLAKRICKDLENLSQSQNREFGTQKYEQWIVTVQKACMVFQMPDKDEESRICKALFLYTSHLRKYN
DALIISEHARMKDALDYLKDFFSNVRAAGFDEIEQDLTQRFEEKLQELESVSRDPSNENPKLEDLCFILQEEYHLNPETI
TILFVKTRALVDALKNWIEGNPKLSFLKPGILTGRGKTNQNTGMTLPAQKCILDAFKASGDHNILILTSVADEGIDIAQC
NLVILYEYVGNVIKMIQTRGRGRARGSKCFLLTSNAGVIEKEQINMYKEKMMNDSILRLQTWDEAVFREKILHIQTHEKF
IRDSQEKPKPVPDKENKKLLCRKCKALACYTADVRVIEDCHYTVLGDAFKECFVSRPHPKPKQFSSFEKRAKIFCARQNC
SHDWGIHVKYKTFEIPVIKIESFVVEDIATGVQTLYSKWKDFHFEKIPFDPAEMSK
;
A
2 'polyribonucleotide' GCGCGCGCGC C,D
#
loop_
_chem_comp.id
_chem_comp.type
_chem_comp.name
_chem_comp.formula
ADP non-polymer ADENOSINE-5'-DIPHOSPHATE 'C10 H15 N5 O10 P2'
C RNA linking CYTIDINE-5'-MONOPHOSPHATE 'C9 H14 N3 O8 P'
G RNA linking GUANOSINE-5'-MONOPHOSPHATE 'C10 H14 N5 O8 P'
MG non-polymer 'MAGNESIUM ION' 'Mg 2'
ZN non-polymer 'ZINC ION' 'Zn 2'
#
# COMPACT_ATOMS: atom_id res chain seq x y z
N ASN A 7 22.68 4.36 17.26
CA ASN A 7 22.25 3.72 15.99
C ASN A 7 22.41 2.19 16.02
N LEU A 8 22.08 1.57 14.88
CA LEU A 8 22.03 0.10 14.81
C LEU A 8 23.42 -0.57 14.65
N TYR A 9 24.44 0.25 14.42
CA TYR A 9 25.79 -0.19 14.10
C TYR A 9 26.74 0.01 15.27
N SER A 10 26.17 0.50 16.37
CA SER A 10 26.97 0.89 17.53
C SER A 10 26.56 0.05 18.75
N PRO A 11 27.50 -0.08 19.72
CA PRO A 11 27.17 -0.78 20.97
C PRO A 11 25.88 -0.25 21.62
N PHE A 12 25.13 -1.16 22.24
CA PHE A 12 23.96 -0.78 23.04
C PHE A 12 23.83 -1.60 24.30
N LYS A 13 23.52 -0.92 25.40
CA LYS A 13 22.98 -1.58 26.55
C LYS A 13 21.49 -1.85 26.27
N PRO A 14 21.05 -3.12 26.38
CA PRO A 14 19.64 -3.42 26.17
C PRO A 14 18.80 -2.78 27.26
N ARG A 15 17.70 -2.19 26.86
CA ARG A 15 16.72 -1.68 27.80
C ARG A 15 16.09 -2.87 28.57
N ASN A 16 15.56 -2.62 29.77
CA ASN A 16 14.98 -3.70 30.58
C ASN A 16 13.87 -4.44 29.83
N TYR A 17 13.00 -3.70 29.14
CA TYR A 17 11.88 -4.31 28.42
C TYR A 17 12.31 -5.14 27.22
N GLN A 18 13.52 -4.93 26.72
CA GLN A 18 14.11 -5.71 25.62
C GLN A 18 14.54 -7.10 26.11
N LEU A 19 15.20 -7.12 27.27
CA LEU A 19 15.50 -8.34 28.05
C LEU A 19 14.19 -9.07 28.36
N GLU A 20 13.16 -8.31 28.74
CA GLU A 20 11.85 -8.89 28.96
C GLU A 20 11.25 -9.53 27.70
N LEU A 21 11.32 -8.90 26.53
CA LEU A 21 10.76 -9.53 25.33
C LEU A 21 11.60 -10.67 24.73
N ALA A 22 12.90 -10.68 24.97
CA ALA A 22 13.83 -11.69 24.44
C ALA A 22 13.69 -13.10 25.07
N LEU A 23 13.13 -13.15 26.27
CA LEU A 23 13.19 -14.30 27.11
C LEU A 23 12.45 -15.53 26.59
N PRO A 24 11.18 -15.37 26.13
CA PRO A 24 10.48 -16.55 25.58
C PRO A 24 11.28 -17.17 24.47
N ALA A 25 11.74 -16.36 23.52
CA ALA A 25 12.63 -16.84 22.46
C ALA A 25 13.87 -17.53 23.00
N MET A 26 14.48 -16.95 24.05
CA MET A 26 15.70 -17.53 24.62
C MET A 26 15.44 -18.84 25.34
N LYS A 27 14.19 -19.06 25.75
CA LYS A 27 13.74 -20.35 26.26
C LYS A 27 13.40 -21.38 25.16
N GLY A 28 13.54 -21.04 23.89
CA GLY A 28 13.31 -21.99 22.80
C GLY A 28 11.90 -21.97 22.25
N LYS A 29 11.06 -21.12 22.82
CA LYS A 29 9.67 -21.04 22.41
C LYS A 29 9.47 -20.37 21.10
N ASN A 30 8.57 -20.90 20.29
CA ASN A 30 8.18 -20.26 19.03
C ASN A 30 7.35 -19.05 19.43
N THR A 31 7.81 -17.87 19.12
CA THR A 31 7.28 -16.68 19.77
C THR A 31 7.02 -15.54 18.80
N ILE A 32 5.86 -14.88 18.94
CA ILE A 32 5.59 -13.65 18.18
C ILE A 32 5.85 -12.51 19.15
N ILE A 33 6.86 -11.70 18.82
CA ILE A 33 7.23 -10.56 19.66
C ILE A 33 6.53 -9.31 19.16
N CYS A 34 5.66 -8.74 19.99
CA CYS A 34 4.81 -7.65 19.53
C CYS A 34 5.06 -6.36 20.30
N ALA A 35 5.60 -5.38 19.62
CA ALA A 35 6.02 -4.16 20.27
C ALA A 35 5.91 -2.94 19.35
N PRO A 36 5.56 -1.79 19.90
CA PRO A 36 5.29 -0.67 19.01
C PRO A 36 6.51 -0.19 18.23
N THR A 37 6.28 0.34 17.03
CA THR A 37 7.35 0.88 16.20
C THR A 37 8.30 1.76 17.01
N GLY A 38 9.59 1.44 16.92
CA GLY A 38 10.62 2.17 17.65
C GLY A 38 10.91 1.70 19.06
N CYS A 39 10.49 0.49 19.40
CA CYS A 39 10.88 -0.11 20.66
C CYS A 39 12.30 -0.66 20.53
N GLY A 40 12.65 -1.10 19.32
CA GLY A 40 14.00 -1.58 19.07
C GLY A 40 13.91 -3.03 18.71
N LYS A 41 13.17 -3.31 17.65
CA LYS A 41 12.95 -4.66 17.29
C LYS A 41 14.19 -5.29 16.64
N THR A 42 15.07 -4.46 16.07
CA THR A 42 16.34 -4.95 15.54
C THR A 42 17.24 -5.35 16.71
N PHE A 43 17.30 -4.55 17.76
CA PHE A 43 18.12 -4.96 18.89
C PHE A 43 17.65 -6.28 19.56
N VAL A 44 16.36 -6.43 19.85
CA VAL A 44 15.81 -7.70 20.37
C VAL A 44 16.20 -8.90 19.48
N SER A 45 16.02 -8.76 18.18
CA SER A 45 16.34 -9.88 17.31
C SER A 45 17.86 -10.12 17.30
N LEU A 46 18.65 -9.08 17.50
CA LEU A 46 20.09 -9.25 17.64
C LEU A 46 20.48 -10.11 18.87
N LEU A 47 19.92 -9.77 20.03
CA LEU A 47 20.09 -10.56 21.25
C LEU A 47 19.60 -11.99 21.07
N ILE A 48 18.37 -12.14 20.58
CA ILE A 48 17.83 -13.48 20.38
C ILE A 48 18.82 -14.27 19.53
N CYS A 49 19.21 -13.70 18.39
CA CYS A 49 20.17 -14.37 17.50
C CYS A 49 21.46 -14.66 18.19
N GLU A 50 21.91 -13.76 19.05
CA GLU A 50 23.17 -13.95 19.74
C GLU A 50 23.08 -15.11 20.72
N HIS A 51 21.97 -15.17 21.44
CA HIS A 51 21.79 -16.18 22.42
C HIS A 51 21.66 -17.51 21.72
N HIS A 52 21.01 -17.51 20.54
CA HIS A 52 20.74 -18.76 19.81
C HIS A 52 21.97 -19.43 19.32
N LEU A 53 22.93 -18.67 18.82
CA LEU A 53 24.12 -19.26 18.28
C LEU A 53 25.12 -19.59 19.40
N LYS A 54 25.08 -18.85 20.51
CA LYS A 54 26.04 -19.12 21.59
C LYS A 54 25.64 -20.34 22.44
N LYS A 55 24.35 -20.60 22.53
CA LYS A 55 23.80 -21.70 23.31
C LYS A 55 24.31 -23.07 22.86
N PHE A 56 24.68 -23.21 21.59
CA PHE A 56 25.17 -24.43 21.04
C PHE A 56 26.49 -24.88 21.66
N PRO A 57 26.54 -26.12 22.21
CA PRO A 57 27.77 -26.71 22.76
C PRO A 57 28.89 -26.73 21.74
N GLN A 58 30.14 -26.80 22.19
CA GLN A 58 31.27 -26.80 21.26
C GLN A 58 31.27 -28.07 20.45
N GLY A 59 31.46 -27.95 19.14
CA GLY A 59 31.29 -29.08 18.23
C GLY A 59 29.91 -29.08 17.56
N GLN A 60 29.05 -28.15 17.97
CA GLN A 60 27.72 -27.94 17.36
C GLN A 60 27.57 -26.50 16.88
N LYS A 61 26.61 -26.25 16.00
CA LYS A 61 26.52 -24.98 15.29
C LYS A 61 25.09 -24.67 14.90
N GLY A 62 24.56 -23.53 15.36
CA GLY A 62 23.30 -23.03 14.85
C GLY A 62 23.40 -22.51 13.42
N LYS A 63 22.24 -22.36 12.77
CA LYS A 63 22.10 -21.56 11.55
C LYS A 63 20.81 -20.69 11.53
N VAL A 64 21.00 -19.39 11.37
CA VAL A 64 19.88 -18.44 11.48
C VAL A 64 19.50 -17.92 10.10
N VAL A 65 18.21 -17.90 9.79
CA VAL A 65 17.71 -17.17 8.61
C VAL A 65 16.78 -16.08 9.11
N PHE A 66 16.94 -14.90 8.50
CA PHE A 66 16.18 -13.69 8.83
C PHE A 66 15.49 -13.25 7.54
N PHE A 67 14.19 -13.04 7.59
CA PHE A 67 13.46 -12.63 6.38
C PHE A 67 13.15 -11.12 6.40
N ALA A 68 13.55 -10.42 5.35
CA ALA A 68 13.04 -9.07 5.13
C ALA A 68 12.13 -9.03 3.91
N ASN A 69 11.03 -8.33 4.02
CA ASN A 69 10.07 -8.23 2.91
C ASN A 69 10.47 -7.31 1.77
N GLN A 70 11.44 -6.43 1.98
CA GLN A 70 11.82 -5.43 0.98
C GLN A 70 13.33 -5.31 0.90
N ILE A 71 13.82 -4.84 -0.25
CA ILE A 71 15.25 -4.74 -0.48
C ILE A 71 15.95 -3.80 0.51
N PRO A 72 15.42 -2.57 0.71
CA PRO A 72 16.06 -1.66 1.67
C PRO A 72 16.16 -2.21 3.10
N VAL A 73 15.09 -2.79 3.61
CA VAL A 73 15.14 -3.48 4.89
C VAL A 73 16.13 -4.63 4.87
N TYR A 74 16.18 -5.35 3.75
CA TYR A 74 17.11 -6.46 3.54
C TYR A 74 18.56 -6.00 3.63
N GLU A 75 18.87 -4.86 3.01
CA GLU A 75 20.24 -4.30 3.06
C GLU A 75 20.60 -3.71 4.43
N GLN A 76 19.61 -3.16 5.12
CA GLN A 76 19.85 -2.57 6.42
C GLN A 76 20.28 -3.62 7.46
N ASN A 77 19.52 -4.71 7.55
CA ASN A 77 19.80 -5.79 8.48
C ASN A 77 21.02 -6.62 8.11
N LYS A 78 21.37 -6.71 6.82
CA LYS A 78 22.53 -7.48 6.39
C LYS A 78 23.79 -6.82 6.90
N SER A 79 23.72 -5.49 6.95
CA SER A 79 24.79 -4.64 7.43
C SER A 79 24.84 -4.60 8.97
N VAL A 80 23.68 -4.50 9.61
CA VAL A 80 23.60 -4.50 11.06
C VAL A 80 24.08 -5.83 11.60
N PHE A 81 23.47 -6.94 11.15
CA PHE A 81 23.90 -8.29 11.51
C PHE A 81 25.39 -8.56 11.23
N SER A 82 25.92 -8.06 10.12
CA SER A 82 27.34 -8.27 9.83
C SER A 82 28.22 -7.59 10.84
N LYS A 83 27.93 -6.32 11.12
CA LYS A 83 28.77 -5.53 12.02
C LYS A 83 28.67 -6.15 13.42
N TYR A 84 27.45 -6.45 13.83
CA TYR A 84 27.23 -7.01 15.15
C TYR A 84 27.90 -8.37 15.35
N PHE A 85 27.87 -9.25 14.35
CA PHE A 85 28.57 -10.54 14.51
C PHE A 85 30.01 -10.64 13.99
N GLU A 86 30.63 -9.49 13.76
CA GLU A 86 32.09 -9.37 13.67
C GLU A 86 32.60 -9.57 15.09
N ARG A 87 33.64 -10.35 15.27
CA ARG A 87 34.14 -10.53 16.64
C ARG A 87 33.61 -11.79 17.29
N HIS A 88 32.45 -12.24 16.84
CA HIS A 88 32.02 -13.60 17.15
C HIS A 88 32.60 -14.56 16.13
N GLY A 89 32.86 -14.06 14.92
CA GLY A 89 33.37 -14.86 13.81
C GLY A 89 32.34 -15.59 12.97
N TYR A 90 31.09 -15.19 13.06
CA TYR A 90 30.02 -15.83 12.29
C TYR A 90 30.06 -15.40 10.84
N ARG A 91 29.77 -16.32 9.93
CA ARG A 91 29.66 -15.96 8.53
C ARG A 91 28.25 -15.41 8.27
N VAL A 92 28.16 -14.34 7.50
CA VAL A 92 26.93 -13.57 7.34
C VAL A 92 26.84 -13.15 5.87
N THR A 93 25.74 -13.50 5.21
CA THR A 93 25.45 -13.00 3.87
C THR A 93 23.96 -12.86 3.67
N GLY A 94 23.58 -12.32 2.51
CA GLY A 94 22.19 -12.25 2.10
C GLY A 94 22.02 -12.73 0.68
N ILE A 95 20.81 -13.15 0.36
CA ILE A 95 20.43 -13.40 -1.03
C ILE A 95 19.15 -12.61 -1.35
N SER A 96 19.17 -11.87 -2.45
CA SER A 96 17.99 -11.19 -2.92
C SER A 96 17.89 -11.32 -4.45
N GLY A 97 16.88 -10.69 -5.04
CA GLY A 97 16.67 -10.70 -6.49
C GLY A 97 17.90 -10.21 -7.23
N ALA A 98 18.51 -9.14 -6.73
CA ALA A 98 19.73 -8.60 -7.34
C ALA A 98 20.90 -9.59 -7.29
N THR A 99 20.97 -10.40 -6.22
CA THR A 99 21.99 -11.46 -6.08
C THR A 99 21.68 -12.65 -7.01
N ALA A 100 20.38 -12.88 -7.21
CA ALA A 100 19.83 -13.91 -8.12
C ALA A 100 19.46 -15.20 -7.40
N VAL A 103 23.88 -18.07 -8.54
CA VAL A 103 24.60 -18.43 -7.30
C VAL A 103 24.21 -19.80 -6.75
N PRO A 104 25.20 -20.55 -6.18
CA PRO A 104 24.93 -21.84 -5.56
C PRO A 104 24.16 -21.69 -4.24
N VAL A 105 22.88 -21.36 -4.35
CA VAL A 105 22.07 -21.00 -3.20
C VAL A 105 22.12 -22.00 -2.03
N GLU A 106 22.02 -23.29 -2.35
CA GLU A 106 22.25 -24.39 -1.39
C GLU A 106 23.59 -24.26 -0.64
N GLN A 107 24.65 -23.95 -1.37
CA GLN A 107 25.97 -23.82 -0.78
C GLN A 107 26.21 -22.49 -0.07
N ILE A 108 25.57 -21.43 -0.57
CA ILE A 108 25.60 -20.15 0.16
C ILE A 108 25.02 -20.37 1.56
N VAL A 109 23.87 -21.05 1.63
CA VAL A 109 23.22 -21.40 2.90
C VAL A 109 24.11 -22.28 3.79
N GLU A 110 24.69 -23.31 3.19
CA GLU A 110 25.49 -24.28 3.92
C GLU A 110 26.71 -23.63 4.58
N ASN A 111 27.40 -22.75 3.85
CA ASN A 111 28.66 -22.16 4.33
C ASN A 111 28.53 -20.83 5.08
N ASN A 112 27.32 -20.47 5.48
CA ASN A 112 27.11 -19.29 6.31
C ASN A 112 26.26 -19.59 7.52
N ASP A 113 26.41 -18.79 8.58
CA ASP A 113 25.69 -19.00 9.83
C ASP A 113 24.46 -18.11 10.00
N ILE A 114 24.54 -16.92 9.41
CA ILE A 114 23.42 -15.99 9.33
C ILE A 114 23.13 -15.59 7.88
N ILE A 115 21.92 -15.88 7.42
CA ILE A 115 21.54 -15.57 6.07
C ILE A 115 20.36 -14.61 6.10
N ILE A 116 20.47 -13.50 5.40
CA ILE A 116 19.30 -12.62 5.25
C ILE A 116 18.73 -12.82 3.85
N LEU A 117 17.45 -13.14 3.79
CA LEU A 117 16.72 -13.42 2.54
C LEU A 117 15.52 -12.51 2.42
N THR A 118 15.15 -12.16 1.20
CA THR A 118 13.77 -11.81 0.93
C THR A 118 13.10 -13.16 0.74
N PRO A 119 11.84 -13.31 1.17
CA PRO A 119 11.39 -14.69 1.37
C PRO A 119 11.09 -15.40 0.07
N GLN A 120 10.70 -14.67 -0.96
CA GLN A 120 10.43 -15.31 -2.24
C GLN A 120 11.60 -16.19 -2.69
N ILE A 121 12.83 -15.78 -2.41
CA ILE A 121 13.96 -16.63 -2.78
C ILE A 121 13.87 -17.98 -2.12
N LEU A 122 13.47 -18.03 -0.86
CA LEU A 122 13.39 -19.30 -0.19
C LEU A 122 12.20 -20.09 -0.71
N VAL A 123 11.14 -19.39 -1.10
CA VAL A 123 10.01 -20.11 -1.66
C VAL A 123 10.45 -20.78 -2.98
N ASN A 124 11.20 -20.04 -3.79
CA ASN A 124 11.64 -20.51 -5.09
C ASN A 124 12.55 -21.71 -4.94
N ASN A 125 13.28 -21.72 -3.84
CA ASN A 125 14.30 -22.70 -3.62
C ASN A 125 13.75 -23.96 -3.00
N LEU A 126 12.74 -23.81 -2.16
CA LEU A 126 11.97 -24.95 -1.70
C LEU A 126 11.21 -25.63 -2.87
N LYS A 127 10.40 -24.86 -3.62
CA LYS A 127 9.58 -25.44 -4.67
C LYS A 127 10.41 -26.31 -5.61
N LYS A 128 11.50 -25.72 -6.10
CA LYS A 128 12.44 -26.39 -6.99
C LYS A 128 13.28 -27.46 -6.33
N GLY A 129 13.26 -27.51 -4.99
CA GLY A 129 13.99 -28.54 -4.24
C GLY A 129 15.48 -28.31 -4.19
N THR A 130 15.90 -27.05 -4.31
CA THR A 130 17.31 -26.73 -4.21
C THR A 130 17.66 -26.75 -2.73
N ILE A 131 16.83 -26.10 -1.94
CA ILE A 131 16.88 -26.25 -0.50
C ILE A 131 15.83 -27.30 -0.13
N PRO A 132 16.30 -28.49 0.25
CA PRO A 132 15.40 -29.65 0.38
C PRO A 132 14.45 -29.54 1.53
N SER A 133 14.89 -28.86 2.59
CA SER A 133 14.17 -28.84 3.84
C SER A 133 14.53 -27.62 4.69
N LEU A 134 13.53 -27.12 5.42
CA LEU A 134 13.75 -26.09 6.42
C LEU A 134 14.61 -26.60 7.57
N SER A 135 14.74 -27.91 7.70
CA SER A 135 15.57 -28.48 8.76
C SER A 135 17.02 -28.01 8.86
N ILE A 136 17.62 -27.57 7.76
CA ILE A 136 18.95 -26.95 7.81
C ILE A 136 19.05 -25.71 8.70
N PHE A 137 17.95 -25.01 8.91
CA PHE A 137 17.95 -23.86 9.78
C PHE A 137 17.60 -24.30 11.19
N THR A 138 18.18 -23.63 12.19
CA THR A 138 17.81 -23.88 13.58
C THR A 138 16.99 -22.73 14.14
N LEU A 139 17.02 -21.60 13.44
CA LEU A 139 16.20 -20.43 13.82
C LEU A 139 15.76 -19.64 12.59
N MET A 140 14.48 -19.27 12.55
CA MET A 140 13.90 -18.45 11.49
C MET A 140 13.23 -17.29 12.14
N ILE A 141 13.55 -16.09 11.64
CA ILE A 141 13.04 -14.84 12.20
C ILE A 141 12.26 -14.12 11.10
N PHE A 142 10.97 -13.86 11.33
CA PHE A 142 10.11 -13.20 10.34
C PHE A 142 9.89 -11.78 10.80
N ASP A 143 10.44 -10.82 10.05
CA ASP A 143 10.18 -9.39 10.30
C ASP A 143 8.85 -9.03 9.67
N GLU A 144 8.09 -8.16 10.35
CA GLU A 144 6.70 -7.86 9.94
C GLU A 144 5.86 -9.14 9.78
N CYS A 145 5.83 -9.95 10.84
CA CYS A 145 5.34 -11.32 10.79
C CYS A 145 3.83 -11.40 10.66
N HIS A 146 3.16 -10.28 10.84
CA HIS A 146 1.76 -10.24 10.58
C HIS A 146 1.41 -10.51 9.15
N ASN A 147 2.39 -10.47 8.27
CA ASN A 147 2.14 -10.80 6.88
C ASN A 147 1.97 -12.30 6.67
N THR A 148 2.15 -13.10 7.72
CA THR A 148 2.00 -14.54 7.57
C THR A 148 0.53 -14.95 7.46
N SER A 149 -0.07 -14.64 6.32
CA SER A 149 -1.43 -15.08 6.07
C SER A 149 -1.59 -15.10 4.57
N LYS A 150 -2.64 -15.74 4.08
CA LYS A 150 -3.19 -15.45 2.78
C LYS A 150 -2.32 -15.63 1.50
N GLN A 151 -1.42 -16.60 1.42
CA GLN A 151 -0.62 -16.65 0.14
C GLN A 151 0.64 -15.75 0.08
N HIS A 152 0.82 -14.85 1.03
CA HIS A 152 2.11 -14.18 1.27
C HIS A 152 3.26 -15.18 1.31
N PRO A 153 4.41 -14.84 0.68
CA PRO A 153 5.57 -15.71 0.74
C PRO A 153 5.86 -16.27 2.14
N TYR A 154 5.55 -15.51 3.19
CA TYR A 154 5.83 -15.95 4.52
C TYR A 154 4.95 -17.15 4.80
N ASN A 155 3.74 -17.13 4.23
CA ASN A 155 2.85 -18.24 4.50
C ASN A 155 3.29 -19.46 3.73
N MET A 156 3.64 -19.28 2.47
CA MET A 156 4.17 -20.34 1.65
C MET A 156 5.27 -21.07 2.41
N ILE A 157 6.23 -20.31 2.93
CA ILE A 157 7.30 -20.86 3.73
C ILE A 157 6.77 -21.69 4.91
N MET A 158 5.82 -21.12 5.66
CA MET A 158 5.29 -21.80 6.83
C MET A 158 4.45 -23.03 6.46
N PHE A 159 3.82 -23.04 5.28
CA PHE A 159 3.10 -24.25 4.80
C PHE A 159 4.08 -25.40 4.64
N ASN A 160 5.31 -25.05 4.27
CA ASN A 160 6.31 -26.06 4.08
C ASN A 160 6.66 -26.66 5.42
N TYR A 161 6.91 -25.78 6.38
CA TYR A 161 7.20 -26.11 7.77
C TYR A 161 6.16 -27.05 8.33
N LEU A 162 4.91 -26.61 8.26
CA LEU A 162 3.77 -27.31 8.84
C LEU A 162 3.50 -28.66 8.21
N ASP A 163 3.65 -28.75 6.89
CA ASP A 163 3.57 -30.00 6.18
C ASP A 163 4.59 -30.97 6.73
N GLN A 164 5.74 -30.48 7.19
CA GLN A 164 6.75 -31.35 7.79
C GLN A 164 6.39 -31.71 9.23
N LYS A 165 6.05 -30.71 10.03
CA LYS A 165 5.71 -30.91 11.43
C LYS A 165 4.52 -31.82 11.63
N LEU A 166 3.64 -31.89 10.63
CA LEU A 166 2.38 -32.59 10.77
C LEU A 166 2.42 -33.91 10.03
N GLY A 167 3.44 -34.06 9.20
CA GLY A 167 3.65 -35.29 8.42
C GLY A 167 4.69 -36.16 9.11
N GLY A 168 5.05 -35.77 10.34
CA GLY A 168 6.09 -36.46 11.10
C GLY A 168 7.33 -36.86 10.30
N SER A 169 7.83 -35.92 9.51
CA SER A 169 9.01 -36.14 8.65
C SER A 169 10.20 -35.51 9.39
N SER A 170 10.87 -36.28 10.25
CA SER A 170 11.72 -35.61 11.25
C SER A 170 13.16 -36.12 11.43
N GLY A 171 14.11 -35.17 11.43
CA GLY A 171 13.88 -33.79 11.00
C GLY A 171 13.55 -32.80 12.10
N PRO A 172 14.57 -32.34 12.85
CA PRO A 172 14.24 -31.24 13.77
C PRO A 172 13.84 -30.03 12.93
N LEU A 173 12.95 -29.19 13.46
CA LEU A 173 12.51 -27.98 12.78
C LEU A 173 13.01 -26.73 13.47
N PRO A 174 13.30 -25.68 12.70
CA PRO A 174 13.87 -24.49 13.34
C PRO A 174 12.91 -23.90 14.34
N GLN A 175 13.42 -23.26 15.39
CA GLN A 175 12.56 -22.40 16.22
C GLN A 175 12.06 -21.25 15.29
N VAL A 176 10.84 -20.78 15.51
CA VAL A 176 10.28 -19.70 14.70
C VAL A 176 9.98 -18.48 15.56
N ILE A 177 10.44 -17.32 15.13
CA ILE A 177 10.16 -16.09 15.87
C ILE A 177 9.63 -15.03 14.90
N GLY A 178 8.62 -14.32 15.31
CA GLY A 178 8.17 -13.19 14.51
C GLY A 178 8.24 -11.88 15.26
N LEU A 179 8.40 -10.80 14.49
CA LEU A 179 8.40 -9.43 15.01
C LEU A 179 7.31 -8.60 14.33
N THR A 180 6.59 -7.80 15.08
CA THR A 180 5.61 -6.93 14.52
C THR A 180 5.25 -5.82 15.50
N ALA A 181 4.73 -4.69 15.03
CA ALA A 181 4.23 -3.64 15.85
C ALA A 181 2.77 -3.90 16.12
N SER A 182 2.12 -4.74 15.32
CA SER A 182 0.71 -4.96 15.51
C SER A 182 0.22 -6.26 14.86
N VAL A 183 -0.32 -7.14 15.66
CA VAL A 183 -0.72 -8.45 15.19
C VAL A 183 -1.99 -8.36 14.32
N GLY A 184 -2.75 -7.29 14.43
CA GLY A 184 -3.98 -7.17 13.67
C GLY A 184 -5.13 -8.01 14.21
N VAL A 185 -6.33 -7.72 13.71
CA VAL A 185 -7.52 -8.50 14.00
C VAL A 185 -8.30 -8.83 12.71
N GLY A 186 -7.70 -8.54 11.57
CA GLY A 186 -8.33 -8.78 10.27
C GLY A 186 -9.68 -8.10 10.03
N ASP A 187 -10.65 -8.88 9.57
CA ASP A 187 -12.01 -8.40 9.30
C ASP A 187 -12.85 -8.33 10.57
N ALA A 188 -12.30 -8.84 11.66
CA ALA A 188 -13.01 -9.06 12.93
C ALA A 188 -13.90 -7.90 13.28
N LYS A 189 -15.13 -8.18 13.67
CA LYS A 189 -16.00 -7.13 14.15
C LYS A 189 -16.52 -7.44 15.55
N ASN A 190 -15.85 -8.37 16.23
CA ASN A 190 -16.13 -8.64 17.67
C ASN A 190 -14.97 -9.35 18.38
N THR A 191 -14.97 -9.38 19.71
CA THR A 191 -13.84 -9.99 20.44
C THR A 191 -13.55 -11.44 20.06
N ASP A 192 -14.60 -12.23 19.86
CA ASP A 192 -14.44 -13.63 19.46
C ASP A 192 -13.75 -13.76 18.13
N GLU A 193 -14.23 -13.05 17.14
CA GLU A 193 -13.52 -12.93 15.87
C GLU A 193 -12.08 -12.40 16.00
N ALA A 194 -11.86 -11.43 16.88
CA ALA A 194 -10.51 -10.92 17.11
C ALA A 194 -9.62 -11.99 17.74
N LEU A 195 -10.12 -12.70 18.73
CA LEU A 195 -9.38 -13.78 19.34
C LEU A 195 -9.07 -14.82 18.26
N ASP A 196 -10.08 -15.15 17.46
CA ASP A 196 -9.88 -16.10 16.40
C ASP A 196 -8.82 -15.75 15.39
N TYR A 197 -8.82 -14.50 14.97
CA TYR A 197 -7.86 -14.04 14.00
C TYR A 197 -6.45 -14.15 14.53
N ILE A 198 -6.21 -13.74 15.78
CA ILE A 198 -4.89 -13.74 16.37
C ILE A 198 -4.37 -15.15 16.61
N CYS A 199 -5.27 -16.02 17.05
CA CYS A 199 -4.97 -17.43 17.23
C CYS A 199 -4.57 -18.09 15.90
N LYS A 200 -5.24 -17.66 14.83
CA LYS A 200 -4.98 -18.18 13.51
C LYS A 200 -3.56 -17.80 13.07
N LEU A 201 -3.20 -16.54 13.33
CA LEU A 201 -1.85 -16.03 13.09
C LEU A 201 -0.78 -16.77 13.89
N CYS A 202 -1.04 -17.08 15.17
CA CYS A 202 -0.09 -17.89 15.93
C CYS A 202 -0.05 -19.28 15.33
N ALA A 203 -1.19 -19.85 14.97
CA ALA A 203 -1.17 -21.17 14.29
C ALA A 203 -0.25 -21.14 13.07
N SER A 204 -0.42 -20.17 12.19
CA SER A 204 0.33 -20.04 10.93
C SER A 204 1.85 -19.97 11.15
N LEU A 205 2.27 -19.50 12.31
CA LEU A 205 3.67 -19.37 12.58
C LEU A 205 4.11 -20.41 13.63
N ASP A 206 3.21 -21.34 13.97
CA ASP A 206 3.47 -22.34 15.00
C ASP A 206 3.90 -21.68 16.31
N ALA A 207 3.43 -20.44 16.56
CA ALA A 207 3.78 -19.71 17.77
C ALA A 207 2.89 -20.17 18.93
N SER A 208 3.51 -20.40 20.09
CA SER A 208 2.77 -20.77 21.28
C SER A 208 2.86 -19.65 22.31
N VAL A 209 3.72 -18.67 22.04
CA VAL A 209 3.83 -17.53 22.90
C VAL A 209 3.63 -16.19 22.17
N ILE A 210 2.91 -15.27 22.80
CA ILE A 210 2.96 -13.86 22.31
C ILE A 210 3.64 -13.04 23.39
N ALA A 211 4.80 -12.45 23.07
CA ALA A 211 5.53 -11.65 24.04
C ALA A 211 5.23 -10.15 23.90
N THR A 212 4.65 -9.55 24.95
CA THR A 212 4.50 -8.10 25.01
C THR A 212 5.20 -7.61 26.25
N VAL A 213 5.39 -6.30 26.37
CA VAL A 213 6.05 -5.77 27.55
C VAL A 213 5.03 -5.65 28.63
N LYS A 214 5.34 -6.16 29.82
CA LYS A 214 4.42 -6.10 30.98
C LYS A 214 5.08 -5.58 32.20
N HIS A 215 6.31 -5.99 32.44
CA HIS A 215 6.95 -5.64 33.70
C HIS A 215 7.64 -4.32 33.58
N ASN A 216 7.83 -3.86 32.35
CA ASN A 216 8.57 -2.64 32.08
C ASN A 216 7.78 -1.66 31.20
N LEU A 217 6.48 -1.57 31.43
CA LEU A 217 5.63 -0.70 30.64
C LEU A 217 5.99 0.76 30.79
N GLU A 218 6.28 1.16 32.02
CA GLU A 218 6.59 2.56 32.29
C GLU A 218 7.88 2.95 31.59
N GLU A 219 8.78 1.97 31.42
CA GLU A 219 10.06 2.20 30.79
C GLU A 219 9.85 2.34 29.29
N LEU A 220 8.97 1.50 28.76
CA LEU A 220 8.52 1.55 27.36
C LEU A 220 7.77 2.85 27.08
N GLU A 221 6.72 3.12 27.88
CA GLU A 221 5.82 4.25 27.67
C GLU A 221 6.55 5.54 27.76
N GLN A 222 7.86 5.45 27.94
CA GLN A 222 8.66 6.66 28.12
C GLN A 222 9.26 7.06 26.79
N VAL A 223 8.99 6.25 25.77
CA VAL A 223 9.58 6.44 24.46
C VAL A 223 8.77 5.78 23.32
N VAL A 224 7.45 5.75 23.46
CA VAL A 224 6.57 5.32 22.36
C VAL A 224 5.50 6.38 22.11
N TYR A 225 5.35 6.80 20.86
CA TYR A 225 4.29 7.75 20.48
C TYR A 225 2.94 7.21 20.92
N LYS A 226 2.26 7.99 21.75
CA LYS A 226 0.88 7.70 22.15
C LYS A 226 0.26 9.02 22.50
N PRO A 227 -0.34 9.69 21.50
CA PRO A 227 -0.89 11.00 21.84
C PRO A 227 -2.28 10.83 22.42
N GLN A 228 -2.70 11.69 23.33
CA GLN A 228 -4.14 11.72 23.61
C GLN A 228 -4.88 12.08 22.32
N LYS A 229 -5.81 11.22 21.94
CA LYS A 229 -6.64 11.39 20.75
C LYS A 229 -7.85 12.23 21.12
N PHE A 230 -8.40 12.93 20.12
CA PHE A 230 -9.57 13.80 20.32
C PHE A 230 -10.53 13.79 19.12
N PHE A 231 -11.78 13.43 19.39
CA PHE A 231 -12.84 13.49 18.39
C PHE A 231 -13.58 14.80 18.54
N ARG A 232 -13.64 15.54 17.46
CA ARG A 232 -14.41 16.77 17.49
C ARG A 232 -15.35 16.78 16.27
N LYS A 233 -16.58 16.33 16.53
CA LYS A 233 -17.68 16.37 15.59
C LYS A 233 -18.21 17.79 15.56
N VAL A 234 -18.23 18.37 14.37
CA VAL A 234 -18.83 19.71 14.20
C VAL A 234 -19.94 19.75 13.15
N GLU A 235 -20.51 20.94 12.99
CA GLU A 235 -21.61 21.16 12.09
C GLU A 235 -21.15 21.91 10.84
N SER A 236 -21.63 21.50 9.68
CA SER A 236 -21.35 22.19 8.40
C SER A 236 -22.05 23.56 8.28
N ARG A 237 -21.95 24.19 7.11
CA ARG A 237 -22.74 25.38 6.77
C ARG A 237 -24.21 25.00 6.75
N ILE A 238 -25.08 25.96 7.02
CA ILE A 238 -26.50 25.69 6.86
C ILE A 238 -26.87 25.53 5.36
N SER A 239 -26.16 26.23 4.47
CA SER A 239 -26.47 26.22 3.03
C SER A 239 -25.29 26.66 2.13
N ASP A 240 -24.76 25.73 1.35
CA ASP A 240 -23.75 26.10 0.35
C ASP A 240 -24.43 26.67 -0.90
N LYS A 241 -24.70 27.98 -0.90
CA LYS A 241 -25.21 28.65 -2.11
C LYS A 241 -24.13 28.74 -3.20
N PHE A 242 -22.89 28.43 -2.86
CA PHE A 242 -21.84 28.37 -3.88
C PHE A 242 -21.92 27.03 -4.64
N LYS A 243 -22.22 25.94 -3.94
CA LYS A 243 -22.38 24.64 -4.58
C LYS A 243 -23.52 24.61 -5.61
N TYR A 244 -24.60 25.34 -5.35
CA TYR A 244 -25.79 25.38 -6.22
C TYR A 244 -25.54 26.05 -7.58
N ILE A 245 -24.67 27.04 -7.62
CA ILE A 245 -24.21 27.62 -8.89
C ILE A 245 -23.22 26.68 -9.63
N ILE A 246 -22.20 26.20 -8.91
CA ILE A 246 -21.23 25.28 -9.51
C ILE A 246 -21.90 24.03 -10.05
N ALA A 247 -22.88 23.48 -9.32
CA ALA A 247 -23.53 22.24 -9.73
C ALA A 247 -24.34 22.43 -11.02
N GLN A 248 -24.96 23.60 -11.16
CA GLN A 248 -25.69 23.86 -12.39
C GLN A 248 -24.69 23.97 -13.53
N LEU A 249 -23.60 24.71 -13.32
CA LEU A 249 -22.56 24.84 -14.33
C LEU A 249 -22.04 23.46 -14.69
N MET A 250 -22.08 22.53 -13.73
CA MET A 250 -21.67 21.14 -13.95
C MET A 250 -22.71 20.36 -14.75
N ARG A 251 -23.98 20.48 -14.37
CA ARG A 251 -25.07 19.88 -15.16
C ARG A 251 -25.03 20.37 -16.62
N ASP A 252 -24.93 21.71 -16.79
CA ASP A 252 -24.75 22.36 -18.08
C ASP A 252 -23.60 21.79 -18.92
N THR A 253 -22.50 21.36 -18.28
CA THR A 253 -21.33 20.90 -19.05
C THR A 253 -21.30 19.42 -19.35
N GLU A 254 -21.95 18.63 -18.50
CA GLU A 254 -22.25 17.25 -18.83
C GLU A 254 -23.19 17.21 -20.04
N SER A 255 -24.10 18.16 -20.14
CA SER A 255 -25.04 18.20 -21.26
C SER A 255 -24.25 18.31 -22.57
N LEU A 256 -23.46 19.38 -22.67
CA LEU A 256 -22.54 19.61 -23.78
C LEU A 256 -21.68 18.40 -24.12
N ALA A 257 -21.23 17.68 -23.10
CA ALA A 257 -20.49 16.46 -23.33
C ALA A 257 -21.40 15.47 -24.04
N LYS A 258 -22.50 15.09 -23.39
CA LYS A 258 -23.47 14.10 -23.93
C LYS A 258 -23.95 14.38 -25.38
N ARG A 259 -23.76 15.62 -25.80
CA ARG A 259 -23.83 16.01 -27.20
C ARG A 259 -22.78 15.29 -28.02
N ILE A 260 -21.51 15.60 -27.74
CA ILE A 260 -20.38 15.17 -28.54
C ILE A 260 -20.00 13.72 -28.28
N CYS A 261 -20.65 13.11 -27.29
CA CYS A 261 -20.55 11.68 -27.01
C CYS A 261 -21.87 11.27 -26.36
N LYS A 262 -22.82 10.83 -27.19
CA LYS A 262 -24.10 10.32 -26.71
C LYS A 262 -23.87 9.03 -25.94
N ASP A 263 -24.79 8.73 -25.03
CA ASP A 263 -24.67 7.57 -24.14
C ASP A 263 -23.42 7.62 -23.23
N LEU A 264 -22.99 8.85 -22.90
CA LEU A 264 -21.90 9.08 -21.95
C LEU A 264 -22.16 8.28 -20.70
N GLU A 265 -23.42 8.27 -20.29
CA GLU A 265 -23.89 7.68 -19.03
C GLU A 265 -23.51 6.21 -18.83
N ASN A 266 -22.97 5.59 -19.88
CA ASN A 266 -22.71 4.15 -19.92
C ASN A 266 -21.24 3.73 -19.81
N LEU A 267 -20.33 4.67 -20.05
CA LEU A 267 -18.88 4.37 -20.12
C LEU A 267 -18.32 3.81 -18.81
N SER A 268 -18.81 4.33 -17.69
CA SER A 268 -18.34 3.91 -16.39
C SER A 268 -19.22 2.82 -15.76
N GLN A 269 -18.65 2.14 -14.78
CA GLN A 269 -19.42 1.32 -13.84
C GLN A 269 -19.96 2.19 -12.69
N SER A 270 -19.21 3.26 -12.34
CA SER A 270 -19.57 4.16 -11.24
C SER A 270 -20.91 4.82 -11.53
N GLN A 271 -21.91 4.42 -10.74
CA GLN A 271 -23.28 4.87 -10.92
C GLN A 271 -23.69 5.91 -9.86
N ASN A 272 -24.72 6.70 -10.17
CA ASN A 272 -25.15 7.84 -9.35
C ASN A 272 -24.01 8.67 -8.78
N ARG A 273 -23.19 9.20 -9.68
CA ARG A 273 -22.13 10.12 -9.31
C ARG A 273 -22.76 11.37 -8.70
N GLU A 274 -22.11 11.93 -7.69
CA GLU A 274 -22.58 13.18 -7.09
C GLU A 274 -21.47 14.19 -7.20
N PHE A 275 -21.85 15.43 -7.47
CA PHE A 275 -20.87 16.48 -7.68
C PHE A 275 -20.10 16.76 -6.40
N GLY A 276 -18.82 17.05 -6.54
CA GLY A 276 -17.99 17.42 -5.42
C GLY A 276 -17.78 16.30 -4.45
N THR A 277 -17.37 15.14 -4.96
CA THR A 277 -17.00 13.98 -4.15
C THR A 277 -15.83 13.22 -4.81
N GLN A 278 -15.20 12.36 -4.00
CA GLN A 278 -14.15 11.42 -4.41
C GLN A 278 -14.57 10.49 -5.57
N LYS A 279 -15.78 9.93 -5.44
CA LYS A 279 -16.38 9.16 -6.53
C LYS A 279 -16.30 9.93 -7.83
N TYR A 280 -16.93 11.10 -7.88
CA TYR A 280 -16.94 11.90 -9.12
C TYR A 280 -15.58 12.00 -9.81
N GLU A 281 -14.53 12.21 -9.05
CA GLU A 281 -13.16 12.00 -9.53
C GLU A 281 -13.02 10.66 -10.27
N GLN A 282 -13.33 9.57 -9.56
CA GLN A 282 -13.21 8.20 -10.08
C GLN A 282 -14.06 8.00 -11.35
N TRP A 283 -15.25 8.61 -11.38
CA TRP A 283 -16.08 8.61 -12.58
C TRP A 283 -15.40 9.33 -13.75
N ILE A 284 -14.87 10.52 -13.50
CA ILE A 284 -14.10 11.27 -14.49
C ILE A 284 -12.94 10.42 -15.04
N VAL A 285 -12.24 9.73 -14.14
CA VAL A 285 -11.17 8.80 -14.50
C VAL A 285 -11.72 7.67 -15.38
N THR A 286 -12.78 7.01 -14.93
CA THR A 286 -13.34 5.86 -15.64
C THR A 286 -14.09 6.28 -16.91
N VAL A 287 -13.77 7.46 -17.42
CA VAL A 287 -14.41 8.05 -18.60
C VAL A 287 -13.34 8.72 -19.49
N GLN A 288 -12.35 9.37 -18.85
CA GLN A 288 -11.22 9.95 -19.56
C GLN A 288 -10.35 8.80 -20.09
N LYS A 289 -10.52 7.64 -19.45
CA LYS A 289 -9.80 6.43 -19.83
C LYS A 289 -10.73 5.37 -20.46
N ALA A 290 -11.43 5.75 -21.54
CA ALA A 290 -12.32 4.82 -22.25
C ALA A 290 -12.37 5.09 -23.75
N CYS A 291 -13.40 5.82 -24.20
CA CYS A 291 -13.64 6.11 -25.62
C CYS A 291 -13.71 4.85 -26.50
N MET A 292 -12.59 4.55 -27.17
CA MET A 292 -12.40 3.35 -28.00
C MET A 292 -13.65 2.91 -28.79
N SER A 303 -11.49 9.47 -31.90
CA SER A 303 -10.42 10.11 -31.13
C SER A 303 -10.43 11.63 -31.26
N ARG A 304 -11.00 12.14 -32.36
CA ARG A 304 -11.21 13.58 -32.53
C ARG A 304 -12.40 14.03 -31.67
N ILE A 305 -13.17 13.04 -31.24
CA ILE A 305 -14.29 13.21 -30.31
C ILE A 305 -13.84 13.19 -28.84
N CYS A 306 -12.74 12.48 -28.56
CA CYS A 306 -12.12 12.51 -27.22
C CYS A 306 -11.09 13.63 -27.09
N LYS A 307 -11.04 14.50 -28.08
CA LYS A 307 -10.42 15.81 -27.91
C LYS A 307 -11.46 16.66 -27.20
N ALA A 308 -12.66 16.71 -27.77
CA ALA A 308 -13.77 17.47 -27.20
C ALA A 308 -14.18 16.96 -25.82
N LEU A 309 -14.08 15.64 -25.62
CA LEU A 309 -14.52 15.00 -24.39
C LEU A 309 -13.56 15.24 -23.25
N PHE A 310 -12.28 14.93 -23.45
CA PHE A 310 -11.24 15.15 -22.45
C PHE A 310 -11.29 16.60 -21.97
N LEU A 311 -11.53 17.51 -22.92
CA LEU A 311 -11.74 18.92 -22.67
C LEU A 311 -12.95 19.23 -21.76
N TYR A 312 -14.00 18.42 -21.86
CA TYR A 312 -15.23 18.65 -21.10
C TYR A 312 -15.09 18.05 -19.70
N THR A 313 -14.51 16.86 -19.64
CA THR A 313 -14.22 16.18 -18.39
C THR A 313 -13.14 16.90 -17.56
N SER A 314 -12.20 17.59 -18.22
CA SER A 314 -11.16 18.33 -17.49
C SER A 314 -11.70 19.62 -16.88
N HIS A 315 -12.86 20.07 -17.38
CA HIS A 315 -13.58 21.16 -16.76
C HIS A 315 -14.46 20.67 -15.61
N LEU A 316 -15.14 19.53 -15.81
CA LEU A 316 -15.92 18.91 -14.75
C LEU A 316 -15.04 18.53 -13.58
N ARG A 317 -13.74 18.42 -13.82
CA ARG A 317 -12.77 18.11 -12.76
C ARG A 317 -12.45 19.36 -11.97
N LYS A 318 -12.20 20.46 -12.66
CA LYS A 318 -11.96 21.73 -11.99
C LYS A 318 -13.15 22.17 -11.16
N TYR A 319 -14.35 21.92 -11.64
CA TYR A 319 -15.53 22.17 -10.84
C TYR A 319 -15.65 21.21 -9.64
N ASN A 320 -15.35 19.94 -9.85
CA ASN A 320 -15.41 18.97 -8.77
C ASN A 320 -14.46 19.33 -7.62
N ASP A 321 -13.21 19.63 -8.00
CA ASP A 321 -12.16 20.13 -7.11
C ASP A 321 -12.65 21.33 -6.33
N ALA A 322 -13.18 22.35 -7.03
CA ALA A 322 -13.65 23.60 -6.41
C ALA A 322 -14.74 23.34 -5.36
N LEU A 323 -15.69 22.49 -5.70
CA LEU A 323 -16.72 22.05 -4.73
C LEU A 323 -16.12 21.50 -3.43
N ILE A 324 -15.12 20.63 -3.57
CA ILE A 324 -14.40 20.11 -2.42
C ILE A 324 -13.68 21.22 -1.63
N ILE A 325 -13.09 22.20 -2.31
CA ILE A 325 -12.44 23.30 -1.61
C ILE A 325 -13.46 24.11 -0.83
N SER A 326 -14.59 24.40 -1.48
CA SER A 326 -15.68 25.10 -0.83
C SER A 326 -16.19 24.37 0.42
N GLU A 327 -16.23 23.03 0.37
CA GLU A 327 -16.79 22.21 1.46
C GLU A 327 -15.99 22.29 2.75
N HIS A 328 -14.66 22.35 2.61
CA HIS A 328 -13.80 22.32 3.79
C HIS A 328 -12.95 23.58 4.04
N ALA A 329 -12.91 24.48 3.07
CA ALA A 329 -12.18 25.73 3.21
C ALA A 329 -13.17 26.85 2.93
N ARG A 330 -12.73 28.01 2.44
CA ARG A 330 -13.72 29.07 2.13
C ARG A 330 -14.11 29.21 0.64
N MET A 331 -15.29 29.75 0.37
CA MET A 331 -15.67 29.95 -1.03
C MET A 331 -14.63 30.71 -1.85
N LYS A 332 -14.08 31.79 -1.29
CA LYS A 332 -12.99 32.53 -1.94
C LYS A 332 -11.88 31.59 -2.44
N ASP A 333 -11.57 30.58 -1.65
CA ASP A 333 -10.51 29.64 -1.99
C ASP A 333 -10.90 28.80 -3.19
N ALA A 334 -12.18 28.44 -3.26
CA ALA A 334 -12.71 27.66 -4.36
C ALA A 334 -12.83 28.52 -5.61
N LEU A 335 -13.42 29.71 -5.46
CA LEU A 335 -13.57 30.63 -6.60
C LEU A 335 -12.22 30.97 -7.23
N ASP A 336 -11.23 31.31 -6.39
CA ASP A 336 -9.86 31.63 -6.84
C ASP A 336 -9.23 30.54 -7.66
N TYR A 337 -9.42 29.29 -7.23
CA TYR A 337 -8.96 28.16 -8.00
C TYR A 337 -9.70 28.06 -9.32
N LEU A 338 -10.95 28.51 -9.36
CA LEU A 338 -11.67 28.62 -10.62
C LEU A 338 -11.25 29.87 -11.43
N LYS A 339 -11.08 31.01 -10.76
CA LYS A 339 -10.49 32.17 -11.42
C LYS A 339 -9.11 31.83 -12.04
N ASP A 340 -8.15 31.41 -11.23
CA ASP A 340 -6.82 31.07 -11.75
C ASP A 340 -6.90 30.13 -12.96
N PHE A 341 -7.77 29.12 -12.89
CA PHE A 341 -7.98 28.18 -14.00
C PHE A 341 -8.48 28.83 -15.30
N PHE A 342 -9.53 29.64 -15.20
CA PHE A 342 -10.09 30.27 -16.40
C PHE A 342 -9.25 31.43 -16.97
N SER A 343 -8.25 31.87 -16.21
CA SER A 343 -7.25 32.81 -16.72
C SER A 343 -6.22 32.06 -17.57
N ASN A 344 -5.85 30.86 -17.13
CA ASN A 344 -4.91 30.02 -17.86
C ASN A 344 -5.40 29.53 -19.22
N VAL A 345 -6.69 29.16 -19.27
CA VAL A 345 -7.36 28.72 -20.49
C VAL A 345 -7.45 29.85 -21.54
N ARG A 346 -7.84 31.05 -21.11
CA ARG A 346 -7.96 32.15 -22.06
C ARG A 346 -6.60 32.64 -22.55
N ALA A 347 -5.61 32.62 -21.67
CA ALA A 347 -4.24 33.01 -22.02
C ALA A 347 -3.53 31.94 -22.86
N ALA A 348 -3.93 30.68 -22.70
CA ALA A 348 -3.42 29.58 -23.53
C ALA A 348 -3.93 29.70 -24.96
N GLY A 349 -5.21 30.04 -25.11
CA GLY A 349 -5.84 30.23 -26.42
C GLY A 349 -7.29 29.83 -26.37
N PHE A 350 -8.10 30.38 -27.28
CA PHE A 350 -9.54 30.15 -27.24
C PHE A 350 -10.04 29.19 -28.32
N ASP A 351 -10.79 28.17 -27.89
CA ASP A 351 -11.59 27.33 -28.78
C ASP A 351 -13.00 27.91 -28.91
N GLU A 352 -13.89 27.19 -29.59
CA GLU A 352 -15.33 27.49 -29.51
C GLU A 352 -15.99 26.59 -28.46
N ILE A 353 -15.18 25.72 -27.86
CA ILE A 353 -15.60 24.86 -26.76
C ILE A 353 -14.92 25.30 -25.45
N GLU A 354 -13.63 25.63 -25.55
CA GLU A 354 -12.87 26.22 -24.44
C GLU A 354 -13.34 27.64 -24.15
N GLN A 355 -13.92 28.30 -25.17
CA GLN A 355 -14.44 29.67 -25.04
C GLN A 355 -15.90 29.71 -24.58
N ASP A 356 -16.61 28.61 -24.80
CA ASP A 356 -18.01 28.49 -24.36
C ASP A 356 -18.03 28.27 -22.86
N LEU A 357 -17.51 27.12 -22.42
CA LEU A 357 -17.35 26.83 -21.00
C LEU A 357 -16.86 28.07 -20.24
N THR A 358 -15.85 28.73 -20.76
CA THR A 358 -15.32 29.92 -20.12
C THR A 358 -16.37 31.03 -20.09
N GLN A 359 -17.13 31.19 -21.17
CA GLN A 359 -18.23 32.17 -21.22
C GLN A 359 -19.33 31.78 -20.23
N ARG A 360 -19.79 30.53 -20.35
CA ARG A 360 -20.69 29.93 -19.36
C ARG A 360 -20.30 30.30 -17.92
N PHE A 361 -19.02 30.16 -17.62
CA PHE A 361 -18.51 30.47 -16.29
C PHE A 361 -18.63 31.95 -16.02
N GLU A 362 -18.22 32.76 -17.00
CA GLU A 362 -18.21 34.22 -16.86
C GLU A 362 -19.57 34.87 -16.60
N GLU A 363 -20.66 34.24 -17.02
CA GLU A 363 -21.98 34.70 -16.63
C GLU A 363 -22.12 34.74 -15.10
N LYS A 364 -21.91 33.58 -14.47
CA LYS A 364 -22.11 33.43 -13.02
C LYS A 364 -21.04 34.12 -12.20
N LEU A 365 -19.91 34.44 -12.84
CA LEU A 365 -18.76 35.06 -12.16
C LEU A 365 -19.11 36.19 -11.19
N GLN A 366 -20.01 37.08 -11.59
CA GLN A 366 -20.44 38.20 -10.72
C GLN A 366 -21.24 37.66 -9.54
N GLU A 367 -22.04 36.63 -9.79
CA GLU A 367 -22.83 36.02 -8.72
C GLU A 367 -21.94 35.20 -7.79
N LEU A 368 -20.90 34.59 -8.33
CA LEU A 368 -20.02 33.80 -7.49
C LEU A 368 -19.17 34.70 -6.59
N GLU A 369 -18.64 35.77 -7.18
CA GLU A 369 -17.80 36.72 -6.47
C GLU A 369 -18.57 37.46 -5.38
N SER A 370 -19.86 37.68 -5.66
CA SER A 370 -20.78 38.18 -4.64
C SER A 370 -20.99 37.17 -3.52
N VAL A 371 -21.39 35.95 -3.90
CA VAL A 371 -21.67 34.86 -2.97
C VAL A 371 -20.45 34.52 -2.11
N SER A 372 -19.26 34.54 -2.72
CA SER A 372 -18.00 34.27 -2.05
C SER A 372 -17.69 35.18 -0.86
N ARG A 373 -18.03 36.47 -1.01
CA ARG A 373 -17.64 37.45 -0.01
C ARG A 373 -18.75 37.72 1.01
N ASP A 374 -19.88 37.06 0.84
CA ASP A 374 -20.98 37.25 1.74
C ASP A 374 -20.63 36.57 3.07
N PRO A 375 -20.44 37.37 4.14
CA PRO A 375 -19.99 36.92 5.46
C PRO A 375 -20.83 35.79 6.03
N SER A 376 -22.13 35.77 5.72
CA SER A 376 -22.99 34.67 6.19
C SER A 376 -22.74 33.34 5.44
N ASN A 377 -21.97 33.41 4.35
CA ASN A 377 -21.55 32.21 3.60
C ASN A 377 -20.22 31.58 4.09
N GLU A 378 -19.51 32.27 5.00
CA GLU A 378 -18.30 31.75 5.67
C GLU A 378 -18.42 30.32 6.23
N ASN A 379 -17.31 29.60 6.26
CA ASN A 379 -17.28 28.18 6.63
C ASN A 379 -17.05 28.06 8.12
N PRO A 380 -18.04 27.53 8.83
CA PRO A 380 -17.94 27.40 10.28
C PRO A 380 -16.89 26.38 10.76
N LYS A 381 -16.52 25.43 9.91
CA LYS A 381 -15.55 24.42 10.33
C LYS A 381 -14.18 25.04 10.53
N LEU A 382 -13.96 26.19 9.89
CA LEU A 382 -12.65 26.83 9.92
C LEU A 382 -12.42 27.63 11.20
N GLU A 383 -13.51 28.06 11.82
CA GLU A 383 -13.38 28.73 13.09
C GLU A 383 -13.05 27.68 14.12
N ASP A 384 -13.60 26.48 13.94
CA ASP A 384 -13.31 25.35 14.84
C ASP A 384 -11.86 24.90 14.78
N LEU A 385 -11.31 24.83 13.57
CA LEU A 385 -9.88 24.63 13.36
C LEU A 385 -9.05 25.73 14.05
N CYS A 386 -9.53 26.97 13.97
CA CYS A 386 -8.87 28.15 14.53
C CYS A 386 -8.86 28.05 16.03
N PHE A 387 -10.01 27.70 16.60
CA PHE A 387 -10.07 27.50 18.05
C PHE A 387 -9.02 26.50 18.54
N ILE A 388 -8.98 25.32 17.93
CA ILE A 388 -7.99 24.30 18.30
C ILE A 388 -6.58 24.89 18.25
N LEU A 389 -6.23 25.53 17.14
CA LEU A 389 -4.87 26.01 16.95
C LEU A 389 -4.53 27.13 17.96
N GLN A 390 -5.48 28.01 18.23
CA GLN A 390 -5.38 29.00 19.30
C GLN A 390 -5.08 28.39 20.66
N GLU A 391 -5.98 27.53 21.13
CA GLU A 391 -5.87 27.00 22.48
C GLU A 391 -4.48 26.44 22.76
N GLU A 392 -4.05 25.49 21.91
CA GLU A 392 -2.75 24.84 22.04
C GLU A 392 -1.64 25.86 22.07
N TYR A 393 -1.55 26.68 21.03
CA TYR A 393 -0.50 27.69 20.93
C TYR A 393 -0.50 28.71 22.05
N HIS A 394 -1.60 28.77 22.79
CA HIS A 394 -1.65 29.50 24.06
C HIS A 394 -0.89 28.66 25.11
N LEU A 395 -1.39 27.46 25.38
CA LEU A 395 -0.78 26.57 26.36
C LEU A 395 0.71 26.37 26.09
N ASN A 396 1.02 25.78 24.94
CA ASN A 396 2.39 25.56 24.49
C ASN A 396 2.66 26.41 23.26
N PRO A 397 3.22 27.61 23.45
CA PRO A 397 3.39 28.51 22.33
C PRO A 397 4.44 27.98 21.36
N GLU A 398 5.23 27.03 21.81
CA GLU A 398 6.32 26.53 20.99
C GLU A 398 5.85 25.32 20.18
N THR A 399 4.53 25.14 20.09
CA THR A 399 3.94 23.99 19.37
C THR A 399 4.33 23.97 17.88
N ILE A 400 4.75 22.80 17.43
CA ILE A 400 4.94 22.57 16.00
C ILE A 400 3.87 21.59 15.56
N THR A 401 3.16 21.94 14.50
CA THR A 401 1.94 21.24 14.10
C THR A 401 2.00 20.60 12.72
N ILE A 402 1.24 19.54 12.55
CA ILE A 402 1.07 18.94 11.24
C ILE A 402 -0.41 18.78 10.90
N LEU A 403 -0.81 19.30 9.73
CA LEU A 403 -2.22 19.33 9.34
C LEU A 403 -2.44 18.50 8.09
N PHE A 404 -3.17 17.40 8.26
CA PHE A 404 -3.48 16.51 7.14
C PHE A 404 -4.82 16.89 6.51
N VAL A 405 -4.83 17.15 5.21
CA VAL A 405 -6.09 17.43 4.50
C VAL A 405 -6.46 16.48 3.37
N LYS A 406 -7.70 16.60 2.90
CA LYS A 406 -8.32 15.63 2.01
C LYS A 406 -7.67 15.63 0.62
N THR A 407 -7.38 16.80 0.07
CA THR A 407 -6.93 16.86 -1.32
C THR A 407 -5.79 17.85 -1.50
N ARG A 408 -5.11 17.76 -2.63
CA ARG A 408 -3.98 18.61 -2.94
C ARG A 408 -4.38 20.08 -3.00
N ALA A 409 -5.59 20.35 -3.49
CA ALA A 409 -6.06 21.74 -3.60
C ALA A 409 -6.37 22.32 -2.23
N LEU A 410 -6.83 21.46 -1.32
CA LEU A 410 -7.09 21.88 0.06
C LEU A 410 -5.82 22.32 0.80
N VAL A 411 -4.71 21.66 0.51
CA VAL A 411 -3.42 21.99 1.09
C VAL A 411 -3.08 23.45 0.84
N ASP A 412 -3.23 23.85 -0.42
CA ASP A 412 -3.03 25.25 -0.78
C ASP A 412 -4.10 26.16 -0.20
N ALA A 413 -5.35 25.69 -0.19
CA ALA A 413 -6.46 26.45 0.36
C ALA A 413 -6.26 26.81 1.81
N LEU A 414 -5.94 25.79 2.63
CA LEU A 414 -5.71 25.99 4.07
C LEU A 414 -4.50 26.88 4.38
N LYS A 415 -3.38 26.57 3.75
CA LYS A 415 -2.22 27.44 3.77
C LYS A 415 -2.64 28.91 3.54
N ASN A 416 -3.26 29.17 2.38
CA ASN A 416 -3.72 30.51 2.01
C ASN A 416 -4.59 31.14 3.07
N TRP A 417 -5.42 30.32 3.70
CA TRP A 417 -6.34 30.77 4.73
C TRP A 417 -5.63 31.11 6.03
N ILE A 418 -4.70 30.24 6.46
CA ILE A 418 -3.85 30.56 7.61
C ILE A 418 -3.09 31.85 7.36
N GLU A 419 -2.35 31.89 6.25
CA GLU A 419 -1.50 33.03 5.90
C GLU A 419 -2.24 34.35 5.68
N GLY A 420 -3.57 34.32 5.67
CA GLY A 420 -4.37 35.53 5.51
C GLY A 420 -5.27 35.86 6.71
N ASN A 421 -5.15 35.03 7.75
CA ASN A 421 -6.00 35.15 8.92
C ASN A 421 -5.29 35.90 10.05
N PRO A 422 -5.88 37.04 10.48
CA PRO A 422 -5.41 37.80 11.65
C PRO A 422 -5.33 36.97 12.95
N LYS A 423 -6.21 35.99 13.10
CA LYS A 423 -6.27 35.22 14.34
C LYS A 423 -5.20 34.15 14.49
N LEU A 424 -4.48 33.86 13.42
CA LEU A 424 -3.47 32.79 13.44
C LEU A 424 -2.09 33.28 13.03
N SER A 425 -1.91 34.60 13.10
CA SER A 425 -0.64 35.28 12.80
C SER A 425 0.59 34.66 13.50
N PHE A 426 0.37 33.91 14.57
CA PHE A 426 1.46 33.24 15.27
C PHE A 426 1.87 31.95 14.54
N LEU A 427 1.27 31.73 13.38
CA LEU A 427 1.54 30.56 12.56
C LEU A 427 2.37 30.90 11.34
N LYS A 428 3.24 29.97 10.94
CA LYS A 428 4.15 30.13 9.80
C LYS A 428 4.17 28.82 9.01
N PRO A 429 3.32 28.73 7.96
CA PRO A 429 2.95 27.47 7.27
C PRO A 429 3.81 27.04 6.07
N GLY A 430 3.91 25.72 5.88
CA GLY A 430 4.69 25.13 4.78
C GLY A 430 4.03 23.88 4.22
N ILE A 431 4.13 23.73 2.90
CA ILE A 431 3.58 22.59 2.16
C ILE A 431 4.66 21.53 1.95
N LEU A 432 4.28 20.26 1.95
CA LEU A 432 5.29 19.20 1.77
C LEU A 432 4.89 18.01 0.91
N THR A 433 5.67 17.75 -0.15
CA THR A 433 5.60 16.48 -0.93
C THR A 433 4.22 16.16 -1.49
N ASN A 463 12.42 28.52 10.82
CA ASN A 463 11.76 27.64 9.87
C ASN A 463 10.25 27.90 9.74
N ILE A 464 9.52 26.80 9.74
CA ILE A 464 8.08 26.79 9.56
C ILE A 464 7.52 26.00 10.76
N LEU A 465 6.34 26.40 11.23
CA LEU A 465 5.81 26.06 12.56
C LEU A 465 4.55 25.18 12.51
N ILE A 466 3.87 25.20 11.36
CA ILE A 466 2.80 24.29 11.08
C ILE A 466 2.98 23.78 9.66
N LEU A 467 2.68 22.51 9.45
CA LEU A 467 2.89 21.88 8.16
C LEU A 467 1.60 21.24 7.62
N THR A 468 1.21 21.61 6.41
CA THR A 468 0.00 21.10 5.78
C THR A 468 0.37 20.02 4.76
N SER A 469 -0.39 18.93 4.70
CA SER A 469 -0.12 17.93 3.68
C SER A 469 -1.26 16.94 3.46
N VAL A 470 -1.04 16.02 2.54
CA VAL A 470 -2.01 14.96 2.22
C VAL A 470 -1.50 13.58 2.70
N ALA A 471 -0.18 13.37 2.65
CA ALA A 471 0.52 12.14 3.11
C ALA A 471 1.96 12.49 3.56
N ASP A 472 2.75 11.49 4.01
CA ASP A 472 4.14 11.77 4.48
C ASP A 472 5.21 10.64 4.48
N GLU A 473 6.48 11.08 4.44
CA GLU A 473 7.73 10.32 4.70
C GLU A 473 8.93 11.02 4.01
N GLY A 474 9.91 11.52 4.77
CA GLY A 474 9.87 11.61 6.23
C GLY A 474 10.09 13.07 6.65
N ILE A 475 9.17 13.68 7.41
CA ILE A 475 8.00 13.10 8.12
C ILE A 475 8.29 12.90 9.62
N ASP A 476 7.92 11.71 10.12
CA ASP A 476 7.95 11.38 11.57
C ASP A 476 6.97 12.20 12.43
N ILE A 477 5.69 11.82 12.38
CA ILE A 477 4.60 12.50 13.12
C ILE A 477 4.89 12.72 14.62
N ALA A 478 5.59 11.76 15.24
CA ALA A 478 5.98 11.81 16.66
C ALA A 478 6.87 13.00 17.00
N GLN A 479 7.39 13.64 15.96
CA GLN A 479 8.30 14.77 16.11
C GLN A 479 7.58 16.15 15.97
N CYS A 480 6.26 16.10 15.88
CA CYS A 480 5.38 17.28 15.99
C CYS A 480 4.55 17.10 17.27
N ASN A 481 4.26 18.18 18.01
CA ASN A 481 3.39 18.00 19.19
C ASN A 481 1.88 18.06 18.94
N LEU A 482 1.49 18.38 17.71
CA LEU A 482 0.08 18.53 17.38
C LEU A 482 -0.17 17.98 15.98
N VAL A 483 -1.09 17.03 15.93
CA VAL A 483 -1.57 16.50 14.68
C VAL A 483 -3.07 16.79 14.62
N ILE A 484 -3.50 17.47 13.56
CA ILE A 484 -4.90 17.61 13.27
C ILE A 484 -5.23 16.79 11.99
N LEU A 485 -6.27 15.97 12.07
CA LEU A 485 -6.85 15.36 10.87
C LEU A 485 -8.11 16.14 10.47
N TYR A 486 -7.95 17.07 9.54
CA TYR A 486 -9.04 17.91 9.15
C TYR A 486 -9.79 17.27 8.00
N GLU A 487 -10.90 16.63 8.35
CA GLU A 487 -11.73 15.89 7.40
C GLU A 487 -10.91 14.99 6.52
N TYR A 488 -10.09 14.15 7.15
CA TYR A 488 -9.19 13.23 6.49
C TYR A 488 -9.45 11.79 6.96
N VAL A 489 -9.74 10.88 6.01
CA VAL A 489 -9.84 9.44 6.35
C VAL A 489 -8.45 8.83 6.66
N GLY A 490 -8.10 8.75 7.95
CA GLY A 490 -6.76 8.37 8.34
C GLY A 490 -6.60 7.54 9.60
N ASN A 491 -5.62 7.94 10.41
CA ASN A 491 -5.13 7.14 11.54
C ASN A 491 -3.92 7.82 12.21
N ALA A 504 8.74 14.21 21.55
CA ALA A 504 8.45 14.92 22.80
C ALA A 504 7.08 14.57 23.36
N ARG A 505 7.07 14.26 24.66
CA ARG A 505 5.86 13.93 25.42
C ARG A 505 4.90 15.13 25.48
N GLY A 506 3.64 14.86 25.79
CA GLY A 506 2.62 15.91 25.81
C GLY A 506 2.05 16.25 24.43
N SER A 507 2.00 15.23 23.55
CA SER A 507 1.52 15.35 22.16
C SER A 507 0.02 15.05 22.06
N LYS A 508 -0.65 15.68 21.11
CA LYS A 508 -2.10 15.47 20.97
C LYS A 508 -2.45 15.20 19.54
N CYS A 509 -3.44 14.34 19.32
CA CYS A 509 -4.08 14.22 18.02
C CYS A 509 -5.57 14.60 18.06
N PHE A 510 -5.96 15.51 17.15
CA PHE A 510 -7.36 15.93 16.92
C PHE A 510 -7.92 15.43 15.59
N LEU A 511 -9.17 14.98 15.63
CA LEU A 511 -9.89 14.55 14.43
C LEU A 511 -11.04 15.56 14.30
N LEU A 512 -11.05 16.34 13.21
CA LEU A 512 -12.02 17.43 13.07
C LEU A 512 -12.81 17.17 11.82
N THR A 513 -14.11 16.98 12.02
CA THR A 513 -15.01 16.67 10.91
C THR A 513 -16.46 17.02 11.23
N SER A 514 -17.22 17.20 10.16
CA SER A 514 -18.68 17.32 10.28
C SER A 514 -19.31 16.01 9.76
N ASN A 515 -18.48 15.05 9.38
CA ASN A 515 -19.00 13.78 8.87
C ASN A 515 -19.14 12.72 9.97
N ALA A 516 -20.36 12.27 10.24
CA ALA A 516 -20.60 11.13 11.15
C ALA A 516 -19.86 9.88 10.67
N GLY A 517 -19.96 9.56 9.39
CA GLY A 517 -19.14 8.53 8.80
C GLY A 517 -17.69 8.57 9.28
N VAL A 518 -17.06 9.75 9.17
CA VAL A 518 -15.62 9.86 9.44
C VAL A 518 -15.32 9.58 10.92
N ILE A 519 -16.17 10.08 11.82
CA ILE A 519 -16.02 9.73 13.23
C ILE A 519 -16.17 8.21 13.49
N GLU A 520 -17.11 7.58 12.79
CA GLU A 520 -17.39 6.17 12.92
C GLU A 520 -16.24 5.27 12.50
N LYS A 521 -15.52 5.67 11.44
CA LYS A 521 -14.27 5.01 11.04
C LYS A 521 -13.23 5.04 12.13
N GLU A 522 -13.04 6.18 12.78
CA GLU A 522 -12.04 6.19 13.84
C GLU A 522 -12.48 5.43 15.07
N GLN A 523 -13.75 5.53 15.45
CA GLN A 523 -14.28 4.68 16.50
C GLN A 523 -14.05 3.19 16.22
N ILE A 524 -14.22 2.77 14.96
CA ILE A 524 -14.05 1.36 14.60
C ILE A 524 -12.59 0.93 14.68
N ASN A 525 -11.70 1.67 14.02
CA ASN A 525 -10.23 1.52 14.18
C ASN A 525 -9.76 1.44 15.64
N MET A 526 -10.29 2.31 16.48
CA MET A 526 -9.92 2.28 17.87
C MET A 526 -10.40 1.03 18.56
N TYR A 527 -11.65 0.65 18.31
CA TYR A 527 -12.21 -0.56 18.91
C TYR A 527 -11.47 -1.79 18.41
N LYS A 528 -11.10 -1.78 17.13
CA LYS A 528 -10.29 -2.84 16.58
C LYS A 528 -8.97 -2.96 17.31
N GLU A 529 -8.42 -1.85 17.78
CA GLU A 529 -7.15 -1.90 18.50
C GLU A 529 -7.33 -2.46 19.90
N LYS A 530 -8.35 -1.96 20.61
CA LYS A 530 -8.72 -2.51 21.91
C LYS A 530 -8.97 -4.05 21.88
N MET A 531 -9.74 -4.52 20.90
CA MET A 531 -10.06 -5.94 20.78
C MET A 531 -8.76 -6.74 20.65
N MET A 532 -7.80 -6.14 19.97
CA MET A 532 -6.52 -6.72 19.75
C MET A 532 -5.80 -6.94 21.09
N ASN A 533 -5.54 -5.84 21.82
CA ASN A 533 -4.85 -5.93 23.11
C ASN A 533 -5.60 -6.76 24.15
N ASP A 534 -6.91 -6.59 24.24
CA ASP A 534 -7.71 -7.47 25.11
C ASP A 534 -7.53 -8.92 24.76
N SER A 535 -7.61 -9.22 23.47
CA SER A 535 -7.44 -10.59 23.00
C SER A 535 -6.09 -11.16 23.39
N ILE A 536 -5.01 -10.44 23.10
CA ILE A 536 -3.69 -10.86 23.56
C ILE A 536 -3.61 -11.10 25.10
N LEU A 537 -4.23 -10.22 25.89
CA LEU A 537 -4.12 -10.34 27.34
C LEU A 537 -4.79 -11.62 27.79
N ARG A 538 -5.90 -11.94 27.14
CA ARG A 538 -6.67 -13.17 27.39
C ARG A 538 -5.84 -14.40 27.07
N LEU A 539 -5.31 -14.41 25.86
CA LEU A 539 -4.53 -15.50 25.38
C LEU A 539 -3.24 -15.72 26.17
N GLN A 540 -2.56 -14.67 26.63
CA GLN A 540 -1.32 -14.83 27.45
C GLN A 540 -1.60 -15.45 28.83
N THR A 541 -2.87 -15.40 29.27
CA THR A 541 -3.33 -16.15 30.46
C THR A 541 -3.49 -17.69 30.23
N TRP A 542 -3.57 -18.19 29.00
CA TRP A 542 -3.77 -19.64 28.82
C TRP A 542 -2.52 -20.42 29.24
N ASP A 543 -2.72 -21.59 29.85
CA ASP A 543 -1.57 -22.47 30.04
C ASP A 543 -1.13 -22.81 28.64
N GLU A 544 0.17 -22.92 28.45
CA GLU A 544 0.77 -23.09 27.15
C GLU A 544 0.40 -24.40 26.47
N ALA A 545 0.26 -25.47 27.25
CA ALA A 545 -0.16 -26.73 26.69
C ALA A 545 -1.57 -26.64 26.13
N VAL A 546 -2.43 -25.84 26.74
CA VAL A 546 -3.80 -25.72 26.29
C VAL A 546 -3.82 -24.95 24.96
N PHE A 547 -2.95 -23.94 24.90
CA PHE A 547 -2.80 -23.17 23.71
C PHE A 547 -2.21 -24.00 22.56
N ARG A 548 -1.10 -24.68 22.83
CA ARG A 548 -0.52 -25.62 21.84
C ARG A 548 -1.54 -26.57 21.24
N GLU A 549 -2.51 -27.00 22.04
CA GLU A 549 -3.50 -27.96 21.59
C GLU A 549 -4.58 -27.27 20.70
N LYS A 550 -4.95 -26.02 21.03
CA LYS A 550 -5.85 -25.21 20.17
C LYS A 550 -5.17 -24.94 18.81
N ILE A 551 -3.89 -24.57 18.87
CA ILE A 551 -3.09 -24.25 17.69
C ILE A 551 -2.99 -25.40 16.71
N LEU A 552 -2.78 -26.60 17.24
CA LEU A 552 -2.55 -27.80 16.47
C LEU A 552 -3.75 -28.15 15.63
N HIS A 553 -4.92 -27.94 16.18
CA HIS A 553 -6.08 -28.28 15.45
C HIS A 553 -6.55 -27.21 14.47
N ILE A 554 -6.26 -25.95 14.74
CA ILE A 554 -6.32 -24.94 13.70
C ILE A 554 -5.39 -25.28 12.54
N GLN A 555 -4.17 -25.74 12.85
CA GLN A 555 -3.19 -26.08 11.83
C GLN A 555 -3.60 -27.27 10.98
N THR A 556 -4.24 -28.26 11.61
CA THR A 556 -4.67 -29.51 10.96
C THR A 556 -5.82 -29.21 10.01
N HIS A 557 -6.75 -28.39 10.46
CA HIS A 557 -7.88 -27.99 9.67
C HIS A 557 -7.40 -27.18 8.48
N GLU A 558 -6.53 -26.21 8.73
CA GLU A 558 -5.93 -25.44 7.66
C GLU A 558 -5.36 -26.34 6.61
N LYS A 559 -4.61 -27.34 7.05
CA LYS A 559 -3.90 -28.20 6.14
C LYS A 559 -4.81 -29.13 5.35
N PHE A 560 -5.99 -29.40 5.90
CA PHE A 560 -6.90 -30.32 5.21
C PHE A 560 -7.40 -29.58 3.98
N ILE A 561 -7.67 -28.30 4.16
CA ILE A 561 -8.05 -27.42 3.08
C ILE A 561 -6.95 -27.29 2.01
N ARG A 562 -5.69 -27.08 2.40
CA ARG A 562 -4.65 -26.91 1.38
C ARG A 562 -4.52 -28.14 0.51
N ASP A 563 -4.54 -29.32 1.13
CA ASP A 563 -4.63 -30.59 0.38
C ASP A 563 -5.84 -30.71 -0.58
N SER A 564 -6.94 -30.01 -0.27
CA SER A 564 -8.02 -29.78 -1.24
C SER A 564 -7.79 -28.50 -2.07
N LYS A 574 -10.78 -25.23 -26.10
CA LYS A 574 -9.75 -25.78 -26.98
C LYS A 574 -9.87 -25.29 -28.44
N GLU A 575 -10.91 -24.52 -28.75
CA GLU A 575 -11.06 -23.87 -30.05
C GLU A 575 -10.18 -22.62 -30.13
N ASN A 576 -9.86 -22.19 -31.34
CA ASN A 576 -8.97 -21.06 -31.55
C ASN A 576 -9.63 -19.69 -31.30
N LYS A 577 -8.83 -18.73 -30.79
CA LYS A 577 -9.34 -17.43 -30.36
C LYS A 577 -8.42 -16.24 -30.71
N LYS A 578 -9.06 -15.15 -31.12
CA LYS A 578 -8.41 -13.92 -31.57
C LYS A 578 -7.94 -13.09 -30.38
N LEU A 579 -6.80 -12.42 -30.52
CA LEU A 579 -6.31 -11.47 -29.51
C LEU A 579 -6.07 -10.11 -30.16
N LEU A 580 -6.73 -9.07 -29.64
CA LEU A 580 -6.71 -7.76 -30.27
C LEU A 580 -6.12 -6.71 -29.36
N CYS A 581 -5.60 -5.64 -29.95
CA CYS A 581 -5.11 -4.49 -29.20
C CYS A 581 -6.28 -3.74 -28.53
N ARG A 582 -6.27 -3.70 -27.20
CA ARG A 582 -7.34 -3.08 -26.42
C ARG A 582 -7.70 -1.67 -26.87
N LYS A 583 -6.70 -0.90 -27.32
CA LYS A 583 -6.92 0.50 -27.71
C LYS A 583 -7.50 0.68 -29.12
N CYS A 584 -6.87 0.05 -30.12
CA CYS A 584 -7.31 0.21 -31.52
C CYS A 584 -7.94 -1.06 -32.11
N LYS A 585 -8.02 -2.11 -31.29
CA LYS A 585 -8.69 -3.39 -31.63
C LYS A 585 -8.11 -4.13 -32.85
N ALA A 586 -6.85 -3.85 -33.16
CA ALA A 586 -6.19 -4.51 -34.29
C ALA A 586 -5.93 -5.97 -33.98
N LEU A 587 -6.14 -6.84 -34.97
CA LEU A 587 -5.85 -8.26 -34.81
C LEU A 587 -4.36 -8.46 -34.55
N ALA A 588 -4.04 -8.98 -33.36
CA ALA A 588 -2.66 -9.19 -32.93
C ALA A 588 -2.17 -10.63 -33.12
N CYS A 589 -2.96 -11.61 -32.66
CA CYS A 589 -2.61 -13.02 -32.84
C CYS A 589 -3.73 -13.99 -32.49
N TYR A 590 -3.51 -15.26 -32.80
CA TYR A 590 -4.44 -16.33 -32.48
C TYR A 590 -3.84 -17.20 -31.39
N THR A 591 -4.69 -17.93 -30.67
CA THR A 591 -4.23 -18.64 -29.47
C THR A 591 -3.42 -19.91 -29.73
N ALA A 592 -3.75 -20.64 -30.78
CA ALA A 592 -2.93 -21.79 -31.19
C ALA A 592 -1.52 -21.38 -31.63
N ASP A 593 -1.27 -20.06 -31.59
CA ASP A 593 0.07 -19.50 -31.82
C ASP A 593 0.79 -19.18 -30.52
N VAL A 594 0.13 -19.40 -29.39
CA VAL A 594 0.68 -19.07 -28.09
C VAL A 594 1.35 -20.28 -27.44
N ARG A 595 2.40 -19.98 -26.69
CA ARG A 595 3.18 -20.98 -25.99
C ARG A 595 3.48 -20.47 -24.58
N VAL A 596 3.50 -21.39 -23.62
CA VAL A 596 3.71 -21.01 -22.24
C VAL A 596 5.20 -21.20 -21.90
N ILE A 597 5.69 -20.44 -20.92
CA ILE A 597 7.12 -20.39 -20.56
C ILE A 597 7.26 -20.56 -19.05
N GLU A 598 7.88 -21.67 -18.64
CA GLU A 598 7.70 -22.21 -17.28
C GLU A 598 6.23 -22.62 -17.22
N ASP A 599 5.40 -21.88 -16.51
CA ASP A 599 3.94 -22.10 -16.55
C ASP A 599 3.17 -20.78 -16.54
N CYS A 600 3.91 -19.70 -16.31
CA CYS A 600 3.32 -18.42 -15.95
C CYS A 600 3.51 -17.32 -16.99
N HIS A 601 4.24 -17.63 -18.08
CA HIS A 601 4.63 -16.62 -19.07
C HIS A 601 4.22 -16.93 -20.52
N TYR A 602 3.68 -15.93 -21.20
CA TYR A 602 3.07 -16.14 -22.52
C TYR A 602 3.83 -15.49 -23.67
N THR A 603 4.22 -16.32 -24.63
CA THR A 603 4.92 -15.88 -25.83
C THR A 603 4.16 -16.31 -27.08
N VAL A 604 4.35 -15.58 -28.17
CA VAL A 604 3.70 -15.87 -29.44
C VAL A 604 4.72 -16.24 -30.50
N LEU A 605 4.60 -17.44 -31.05
CA LEU A 605 5.49 -17.93 -32.10
C LEU A 605 5.37 -17.13 -33.41
N GLY A 606 6.18 -17.50 -34.40
CA GLY A 606 6.02 -17.01 -35.78
C GLY A 606 6.52 -15.61 -36.07
N ASP A 607 6.84 -15.38 -37.34
CA ASP A 607 7.40 -14.11 -37.80
C ASP A 607 6.33 -13.07 -38.03
N ALA A 608 5.13 -13.53 -38.42
CA ALA A 608 3.98 -12.65 -38.64
C ALA A 608 3.69 -11.73 -37.45
N PHE A 609 3.86 -12.25 -36.23
CA PHE A 609 3.67 -11.44 -35.02
C PHE A 609 4.72 -10.33 -34.86
N LYS A 610 5.93 -10.56 -35.37
CA LYS A 610 7.03 -9.61 -35.19
C LYS A 610 6.75 -8.24 -35.80
N GLU A 611 5.96 -8.25 -36.88
CA GLU A 611 5.59 -7.01 -37.56
C GLU A 611 4.48 -6.26 -36.81
N CYS A 612 3.72 -6.99 -35.99
CA CYS A 612 2.53 -6.42 -35.35
C CYS A 612 2.81 -5.77 -33.98
N PHE A 613 4.08 -5.76 -33.57
CA PHE A 613 4.53 -4.93 -32.44
C PHE A 613 5.89 -4.30 -32.71
N VAL A 614 6.08 -3.10 -32.17
CA VAL A 614 7.42 -2.53 -32.07
C VAL A 614 7.90 -2.68 -30.62
N SER A 615 9.15 -2.33 -30.37
CA SER A 615 9.69 -2.37 -29.03
C SER A 615 10.60 -1.17 -28.77
N ARG A 616 10.69 -0.79 -27.50
CA ARG A 616 11.64 0.22 -27.06
C ARG A 616 12.57 -0.42 -26.03
N PRO A 617 13.85 -0.66 -26.42
CA PRO A 617 14.81 -1.32 -25.53
C PRO A 617 14.97 -0.56 -24.22
N HIS A 618 14.66 -1.24 -23.12
CA HIS A 618 14.72 -0.68 -21.78
C HIS A 618 16.18 -0.62 -21.30
N PRO A 619 16.78 0.59 -21.29
CA PRO A 619 18.20 0.73 -20.97
C PRO A 619 18.56 0.16 -19.60
N LYS A 620 17.60 0.20 -18.67
CA LYS A 620 17.73 -0.45 -17.37
C LYS A 620 16.94 -1.77 -17.36
N PRO A 621 17.65 -2.91 -17.58
CA PRO A 621 16.99 -4.23 -17.57
C PRO A 621 16.95 -4.85 -16.17
N LYS A 622 16.14 -5.89 -16.00
CA LYS A 622 16.10 -6.62 -14.73
C LYS A 622 16.22 -8.12 -14.97
N GLN A 623 17.14 -8.75 -14.25
CA GLN A 623 17.39 -10.19 -14.37
C GLN A 623 16.46 -10.97 -13.45
N PHE A 624 15.35 -11.46 -14.00
CA PHE A 624 14.42 -12.29 -13.24
C PHE A 624 14.81 -13.76 -13.31
N SER A 625 13.97 -14.61 -12.75
CA SER A 625 14.27 -16.05 -12.63
C SER A 625 14.32 -16.72 -13.99
N SER A 626 13.16 -16.87 -14.61
CA SER A 626 13.07 -17.57 -15.89
C SER A 626 13.95 -16.95 -16.98
N PHE A 627 13.93 -15.62 -17.08
CA PHE A 627 14.60 -14.86 -18.16
C PHE A 627 15.07 -13.45 -17.75
N GLU A 628 15.47 -12.65 -18.73
CA GLU A 628 15.80 -11.25 -18.48
C GLU A 628 14.88 -10.30 -19.29
N LYS A 629 14.19 -9.41 -18.58
CA LYS A 629 13.43 -8.32 -19.19
C LYS A 629 14.39 -7.31 -19.78
N ARG A 630 14.42 -7.21 -21.11
CA ARG A 630 15.34 -6.29 -21.76
C ARG A 630 14.62 -5.18 -22.53
N ALA A 631 13.45 -5.47 -23.08
CA ALA A 631 12.70 -4.45 -23.83
C ALA A 631 11.22 -4.38 -23.47
N LYS A 632 10.66 -3.18 -23.63
CA LYS A 632 9.21 -2.96 -23.59
C LYS A 632 8.65 -3.07 -25.00
N ILE A 633 7.55 -3.80 -25.18
CA ILE A 633 6.93 -3.92 -26.50
C ILE A 633 5.62 -3.13 -26.66
N PHE A 634 5.65 -2.22 -27.62
CA PHE A 634 4.55 -1.30 -27.89
C PHE A 634 3.87 -1.65 -29.22
N CYS A 635 2.59 -1.33 -29.31
CA CYS A 635 1.79 -1.59 -30.51
C CYS A 635 2.43 -0.99 -31.77
N ALA A 636 2.27 -1.71 -32.88
CA ALA A 636 2.91 -1.36 -34.15
C ALA A 636 2.18 -0.28 -34.94
N ARG A 637 0.88 -0.12 -34.68
CA ARG A 637 0.09 0.90 -35.36
C ARG A 637 0.38 2.27 -34.75
N GLN A 638 0.94 3.17 -35.57
CA GLN A 638 1.48 4.45 -35.09
C GLN A 638 0.47 5.35 -34.37
N ASN A 639 -0.79 5.33 -34.81
CA ASN A 639 -1.86 6.10 -34.15
C ASN A 639 -2.31 5.50 -32.81
N CYS A 640 -1.53 4.54 -32.32
CA CYS A 640 -1.88 3.80 -31.11
C CYS A 640 -0.69 3.67 -30.14
N SER A 641 0.31 2.86 -30.53
CA SER A 641 1.51 2.59 -29.72
C SER A 641 1.20 2.08 -28.30
N HIS A 642 0.25 1.15 -28.20
CA HIS A 642 -0.22 0.57 -26.92
C HIS A 642 0.78 -0.39 -26.26
N ASP A 643 0.91 -0.26 -24.94
CA ASP A 643 1.72 -1.12 -24.08
C ASP A 643 1.26 -2.59 -24.12
N TRP A 644 2.11 -3.50 -24.60
CA TRP A 644 1.73 -4.93 -24.78
C TRP A 644 2.42 -5.93 -23.83
N GLY A 645 3.46 -5.46 -23.14
CA GLY A 645 4.24 -6.31 -22.25
C GLY A 645 5.70 -6.19 -22.60
N ILE A 646 6.45 -7.28 -22.51
CA ILE A 646 7.90 -7.20 -22.66
C ILE A 646 8.50 -8.16 -23.68
N HIS A 647 9.77 -7.89 -24.03
CA HIS A 647 10.58 -8.79 -24.84
C HIS A 647 11.78 -9.27 -24.03
N VAL A 648 12.02 -10.58 -24.05
CA VAL A 648 13.02 -11.17 -23.16
C VAL A 648 14.09 -11.95 -23.89
N LYS A 649 15.16 -12.24 -23.15
CA LYS A 649 16.11 -13.26 -23.52
C LYS A 649 15.83 -14.46 -22.62
N TYR A 650 15.39 -15.56 -23.23
CA TYR A 650 15.12 -16.79 -22.50
C TYR A 650 15.87 -17.96 -23.16
N LYS A 651 16.98 -18.34 -22.53
CA LYS A 651 17.84 -19.46 -22.99
C LYS A 651 18.26 -19.33 -24.47
N THR A 652 18.91 -18.21 -24.80
CA THR A 652 19.36 -17.87 -26.17
C THR A 652 18.25 -17.51 -27.16
N PHE A 653 17.02 -17.37 -26.68
CA PHE A 653 15.90 -17.01 -27.56
C PHE A 653 15.45 -15.57 -27.34
N GLU A 654 15.31 -14.83 -28.43
CA GLU A 654 14.76 -13.49 -28.41
C GLU A 654 13.27 -13.61 -28.68
N ILE A 655 12.50 -13.70 -27.61
CA ILE A 655 11.06 -13.92 -27.71
C ILE A 655 10.27 -12.81 -26.99
N PRO A 656 9.07 -12.49 -27.51
CA PRO A 656 8.18 -11.53 -26.85
C PRO A 656 7.34 -12.20 -25.78
N VAL A 657 6.91 -11.43 -24.79
CA VAL A 657 6.15 -11.96 -23.65
C VAL A 657 4.98 -11.00 -23.32
N ILE A 658 3.75 -11.49 -23.35
CA ILE A 658 2.57 -10.61 -23.32
C ILE A 658 1.68 -10.76 -22.09
N LYS A 659 1.10 -9.63 -21.68
CA LYS A 659 0.08 -9.60 -20.64
C LYS A 659 -1.32 -9.55 -21.25
N ILE A 660 -2.13 -10.57 -20.94
CA ILE A 660 -3.49 -10.67 -21.51
C ILE A 660 -4.33 -9.42 -21.25
N GLU A 661 -4.02 -8.72 -20.17
CA GLU A 661 -4.69 -7.47 -19.82
C GLU A 661 -4.60 -6.43 -20.93
N SER A 662 -3.56 -6.55 -21.76
CA SER A 662 -3.39 -5.65 -22.90
C SER A 662 -4.30 -6.00 -24.08
N PHE A 663 -4.88 -7.20 -24.06
CA PHE A 663 -5.59 -7.75 -25.22
C PHE A 663 -7.09 -8.04 -24.99
N VAL A 664 -7.79 -8.22 -26.11
CA VAL A 664 -9.22 -8.56 -26.14
C VAL A 664 -9.38 -9.96 -26.75
N VAL A 665 -10.13 -10.84 -26.07
CA VAL A 665 -10.37 -12.21 -26.55
C VAL A 665 -11.68 -12.29 -27.34
N GLU A 666 -11.65 -13.01 -28.45
CA GLU A 666 -12.84 -13.25 -29.28
C GLU A 666 -13.02 -14.75 -29.56
N ASP A 667 -14.24 -15.25 -29.39
CA ASP A 667 -14.57 -16.65 -29.73
C ASP A 667 -14.59 -16.84 -31.24
N THR A 670 -19.54 -15.88 -31.55
CA THR A 670 -20.18 -15.00 -32.53
C THR A 670 -19.41 -13.70 -32.73
N GLY A 671 -18.15 -13.69 -32.30
CA GLY A 671 -17.36 -12.47 -32.24
C GLY A 671 -17.70 -11.65 -31.00
N VAL A 672 -17.55 -12.28 -29.84
CA VAL A 672 -17.86 -11.66 -28.55
C VAL A 672 -16.59 -11.26 -27.78
N GLN A 673 -16.47 -9.96 -27.50
CA GLN A 673 -15.33 -9.41 -26.78
C GLN A 673 -15.42 -9.70 -25.28
N THR A 674 -14.32 -10.19 -24.74
CA THR A 674 -14.16 -10.48 -23.32
C THR A 674 -12.81 -9.92 -22.87
N LEU A 675 -12.80 -9.21 -21.75
CA LEU A 675 -11.56 -8.61 -21.22
C LEU A 675 -11.08 -9.30 -19.93
N TYR A 676 -9.94 -9.99 -20.03
CA TYR A 676 -9.33 -10.65 -18.87
C TYR A 676 -8.19 -9.81 -18.28
N SER A 677 -8.07 -9.81 -16.95
CA SER A 677 -6.92 -9.19 -16.25
C SER A 677 -5.75 -10.15 -16.03
N LYS A 678 -6.05 -11.36 -15.59
CA LYS A 678 -5.03 -12.36 -15.32
C LYS A 678 -5.16 -13.57 -16.23
N TRP A 679 -4.01 -13.97 -16.79
CA TRP A 679 -3.90 -15.15 -17.65
C TRP A 679 -4.46 -16.42 -17.01
N LYS A 680 -4.44 -16.48 -15.69
CA LYS A 680 -4.94 -17.62 -14.94
C LYS A 680 -6.45 -17.84 -15.12
N ASP A 681 -7.15 -16.79 -15.55
CA ASP A 681 -8.61 -16.88 -15.83
C ASP A 681 -8.91 -17.54 -17.18
N PHE A 682 -8.17 -17.11 -18.21
CA PHE A 682 -8.33 -17.63 -19.57
C PHE A 682 -8.05 -19.12 -19.60
N HIS A 683 -9.11 -19.92 -19.75
CA HIS A 683 -9.00 -21.38 -19.78
C HIS A 683 -8.90 -21.94 -21.20
N PHE A 684 -7.97 -21.38 -21.97
CA PHE A 684 -7.71 -21.82 -23.33
C PHE A 684 -6.70 -22.98 -23.31
N GLU A 685 -6.45 -23.60 -24.46
CA GLU A 685 -5.48 -24.69 -24.57
C GLU A 685 -4.06 -24.14 -24.48
N LYS A 686 -3.41 -24.40 -23.36
CA LYS A 686 -2.10 -23.86 -23.08
C LYS A 686 -0.99 -24.83 -23.50
N ILE A 687 -0.40 -24.56 -24.67
CA ILE A 687 0.67 -25.39 -25.21
C ILE A 687 2.04 -24.88 -24.77
N PRO A 688 2.83 -25.74 -24.09
CA PRO A 688 4.13 -25.31 -23.61
C PRO A 688 5.19 -25.24 -24.71
N PHE A 689 6.25 -24.49 -24.44
CA PHE A 689 7.35 -24.25 -25.37
C PHE A 689 8.00 -25.55 -25.85
N ASP A 690 8.42 -25.55 -27.12
CA ASP A 690 9.23 -26.63 -27.69
C ASP A 690 10.45 -25.98 -28.37
N PRO A 691 11.67 -26.34 -27.92
CA PRO A 691 12.90 -25.76 -28.47
C PRO A 691 12.89 -25.62 -30.00
N ALA A 692 12.66 -26.73 -30.70
CA ALA A 692 12.67 -26.75 -32.16
C ALA A 692 11.27 -26.90 -32.75
N GLU A 693 10.87 -25.90 -33.55
CA GLU A 693 9.57 -25.89 -34.23
C GLU A 693 9.64 -25.01 -35.49
ZN ZN D . -2.94 -0.69 -31.20
MG MG E . 11.71 -3.91 12.96
PB ADP F . 11.71 -0.79 15.63
O1B ADP F . 10.69 0.14 14.99
O2B ADP F . 12.30 -1.86 14.73
O3B ADP F . 11.29 -1.32 16.99
PA ADP F . 14.46 -0.16 15.54
O1A ADP F . 15.13 -1.01 16.61
O2A ADP F . 14.56 -0.58 14.09
O3A ADP F . 12.93 0.21 15.94
O5' ADP F . 14.99 1.34 15.78
C5' ADP F . 14.56 2.07 16.93
C4' ADP F . 15.77 2.90 17.37
O4' ADP F . 15.78 3.07 18.79
C3' ADP F . 17.08 2.19 17.04
O3' ADP F . 17.52 2.49 15.71
C2' ADP F . 18.04 2.74 18.08
O2' ADP F . 18.73 3.89 17.56
C1' ADP F . 17.13 3.07 19.27
N9 ADP F . 17.27 2.04 20.36
C8 ADP F . 16.46 0.97 20.55
N7 ADP F . 16.83 0.23 21.63
C5 ADP F . 17.93 0.84 22.15
C6 ADP F . 18.86 0.58 23.29
N6 ADP F . 18.69 -0.47 24.11
N1 ADP F . 19.88 1.46 23.48
C2 ADP F . 20.07 2.53 22.67
N3 ADP F . 19.26 2.81 21.62
C4 ADP F . 18.21 2.02 21.31
#